data_4NZ3
#
_entry.id   4NZ3
#
_cell.length_a   63.684
_cell.length_b   98.142
_cell.length_c   152.988
_cell.angle_alpha   90.00
_cell.angle_beta   90.00
_cell.angle_gamma   90.00
#
_symmetry.space_group_name_H-M   'P 21 21 21'
#
loop_
_entity.id
_entity.type
_entity.pdbx_description
1 polymer 'Deacetylase DA1'
2 branched 2-acetamido-2-deoxy-beta-D-glucopyranose-(1-4)-2-acetamido-2-deoxy-beta-D-glucopyranose
3 non-polymer 'ZINC ION'
4 non-polymer 'MAGNESIUM ION'
5 non-polymer 1,2-ETHANEDIOL
6 water water
#
_entity_poly.entity_id   1
_entity_poly.type   'polypeptide(L)'
_entity_poly.pdbx_seq_one_letter_code
;MNSTPKGTIYLTFSDGPVNASVEVIKVLNQGGVKATFYFNAWHLDGIGDENEDRALEALKLALDSGHIVGNHSYDHMIHN
CVEEFGPTSGADCNATGNHQIHSYQDPVRDAASFEQNLITLEKYLPTIRSYPNYKGYELARLPYTNGWRVTKHFQADGLC
ATSDNLKPWEPGYVCDPANPSNSVKASIQVQNILANQGYQTHGWDVDWAPENWGIPMPANSLTEAVPFLAYVDKALNSCS
PTTIEPINSKTQEFPCGTPLHADKVIVLTHDFLFEDGKRGMGATQNLPKLAEFIRIAKEAGYVFDTMDNYTPRWSVGKTY
QAGEYVLYQGVVYKAVISHTAQQDWAPSSTSSLWTNADPATNWTLNVSYEQGDIVNYKGKRYLVSVPHVSQQDWTPDTQN
TLFTALELRRQWSHPQFEK
;
_entity_poly.pdbx_strand_id   A,B
#
# COMPACT_ATOMS: atom_id res chain seq x y z
C THR A 4 -8.09 -36.33 -3.50
N PRO A 5 -7.41 -35.18 -3.31
CA PRO A 5 -6.33 -35.04 -2.33
C PRO A 5 -6.88 -35.14 -0.92
N LYS A 6 -6.11 -35.78 -0.04
CA LYS A 6 -6.51 -35.95 1.35
C LYS A 6 -6.74 -34.56 1.97
N GLY A 7 -5.97 -33.58 1.51
CA GLY A 7 -6.03 -32.25 2.07
C GLY A 7 -4.86 -31.41 1.57
N THR A 8 -4.87 -30.13 1.92
CA THR A 8 -3.82 -29.23 1.47
C THR A 8 -3.00 -28.77 2.65
N ILE A 9 -1.67 -28.88 2.54
CA ILE A 9 -0.79 -28.35 3.57
C ILE A 9 -0.13 -27.06 3.15
N TYR A 10 -0.14 -26.07 4.04
CA TYR A 10 0.53 -24.80 3.77
C TYR A 10 1.74 -24.69 4.68
N LEU A 11 2.92 -24.86 4.11
CA LEU A 11 4.16 -24.69 4.85
C LEU A 11 4.41 -23.22 4.94
N THR A 12 4.48 -22.71 6.16
CA THR A 12 4.75 -21.31 6.38
C THR A 12 5.99 -21.23 7.26
N PHE A 13 6.94 -20.39 6.83
CA PHE A 13 8.23 -20.21 7.51
C PHE A 13 8.31 -18.77 8.00
N SER A 14 8.50 -18.58 9.30
CA SER A 14 8.55 -17.25 9.89
C SER A 14 9.93 -16.86 10.38
N ASP A 15 10.14 -15.54 10.37
CA ASP A 15 11.30 -14.86 10.97
C ASP A 15 12.55 -14.77 10.09
N GLY A 16 12.50 -15.29 8.86
CA GLY A 16 13.60 -15.07 7.91
C GLY A 16 13.59 -13.62 7.45
N PRO A 17 14.41 -13.27 6.47
CA PRO A 17 15.39 -14.08 5.74
C PRO A 17 16.72 -14.10 6.49
N VAL A 18 17.25 -15.30 6.75
CA VAL A 18 18.54 -15.48 7.41
C VAL A 18 19.33 -16.50 6.62
N ASN A 19 20.58 -16.74 7.01
CA ASN A 19 21.45 -17.64 6.26
C ASN A 19 20.81 -19.02 6.11
N ALA A 20 20.19 -19.48 7.21
CA ALA A 20 19.53 -20.77 7.23
C ALA A 20 18.40 -20.87 6.20
N SER A 21 17.83 -19.75 5.83
CA SER A 21 16.73 -19.74 4.87
C SER A 21 17.17 -20.37 3.55
N VAL A 22 18.44 -20.16 3.15
CA VAL A 22 18.93 -20.71 1.86
C VAL A 22 18.74 -22.23 1.68
N GLU A 23 19.32 -23.02 2.57
CA GLU A 23 19.13 -24.47 2.50
C GLU A 23 17.67 -24.88 2.68
N VAL A 24 16.89 -24.13 3.47
CA VAL A 24 15.47 -24.47 3.57
C VAL A 24 14.81 -24.33 2.22
N ILE A 25 15.05 -23.20 1.55
CA ILE A 25 14.47 -22.99 0.24
C ILE A 25 14.91 -24.12 -0.71
N LYS A 26 16.18 -24.51 -0.60
CA LYS A 26 16.70 -25.54 -1.47
C LYS A 26 15.97 -26.86 -1.28
N VAL A 27 15.65 -27.19 -0.04
CA VAL A 27 14.90 -28.40 0.25
C VAL A 27 13.48 -28.35 -0.32
N LEU A 28 12.79 -27.22 -0.17
CA LEU A 28 11.46 -27.06 -0.77
C LEU A 28 11.55 -27.25 -2.28
N ASN A 29 12.57 -26.66 -2.90
CA ASN A 29 12.74 -26.77 -4.34
C ASN A 29 13.06 -28.22 -4.75
N GLN A 30 13.97 -28.91 -4.04
CA GLN A 30 14.17 -30.33 -4.31
C GLN A 30 12.89 -31.14 -4.02
N GLY A 31 12.15 -30.78 -2.97
CA GLY A 31 10.91 -31.47 -2.67
C GLY A 31 9.74 -31.17 -3.63
N GLY A 32 9.92 -30.22 -4.54
CA GLY A 32 8.87 -29.89 -5.48
C GLY A 32 7.66 -29.16 -4.88
N VAL A 33 7.87 -28.35 -3.83
CA VAL A 33 6.78 -27.59 -3.21
C VAL A 33 7.09 -26.09 -3.09
N LYS A 34 6.04 -25.27 -3.12
CA LYS A 34 6.15 -23.85 -2.82
C LYS A 34 5.67 -23.60 -1.38
N ALA A 35 6.31 -22.67 -0.70
CA ALA A 35 5.97 -22.31 0.67
C ALA A 35 5.75 -20.83 0.77
N THR A 36 5.35 -20.40 1.96
CA THR A 36 5.09 -19.01 2.22
C THR A 36 6.05 -18.62 3.29
N PHE A 37 6.78 -17.54 3.03
CA PHE A 37 7.71 -16.99 4.01
C PHE A 37 7.22 -15.67 4.58
N TYR A 38 7.21 -15.59 5.90
CA TYR A 38 6.81 -14.38 6.60
C TYR A 38 8.09 -13.77 7.15
N PHE A 39 8.51 -12.71 6.49
CA PHE A 39 9.83 -12.14 6.67
C PHE A 39 9.81 -10.91 7.58
N ASN A 40 10.89 -10.79 8.34
CA ASN A 40 11.27 -9.57 9.04
C ASN A 40 12.53 -9.00 8.41
N ALA A 41 12.42 -7.79 7.86
CA ALA A 41 13.49 -7.21 7.04
C ALA A 41 14.69 -6.69 7.85
N TRP A 42 14.56 -6.64 9.17
CA TRP A 42 15.69 -6.18 9.99
C TRP A 42 16.94 -7.03 9.82
N HIS A 43 16.78 -8.26 9.34
CA HIS A 43 17.90 -9.13 9.09
C HIS A 43 18.73 -8.61 7.92
N LEU A 44 18.07 -7.97 6.96
CA LEU A 44 18.76 -7.36 5.82
C LEU A 44 19.60 -6.20 6.32
N ASP A 45 19.13 -5.49 7.36
CA ASP A 45 19.92 -4.45 8.00
C ASP A 45 21.03 -5.00 8.92
N GLY A 46 21.10 -6.31 9.06
CA GLY A 46 22.14 -6.95 9.83
C GLY A 46 22.04 -6.75 11.34
N ILE A 47 20.86 -6.39 11.83
CA ILE A 47 20.66 -6.10 13.24
C ILE A 47 19.73 -7.07 13.96
N GLY A 48 19.35 -8.15 13.28
CA GLY A 48 18.40 -9.11 13.82
C GLY A 48 19.00 -10.18 14.74
N ASP A 49 20.29 -10.05 15.03
CA ASP A 49 21.05 -10.97 15.91
C ASP A 49 21.01 -12.46 15.45
N GLU A 50 21.04 -12.68 14.14
CA GLU A 50 21.20 -14.03 13.59
C GLU A 50 22.39 -14.05 12.64
N ASN A 51 22.81 -15.23 12.21
CA ASN A 51 23.65 -15.33 11.03
C ASN A 51 22.85 -14.91 9.79
N GLU A 52 23.12 -13.71 9.30
CA GLU A 52 22.20 -13.08 8.35
C GLU A 52 22.89 -12.26 7.25
N ASP A 53 24.17 -12.51 7.03
CA ASP A 53 24.90 -11.86 5.95
C ASP A 53 24.41 -12.34 4.58
N ARG A 54 23.72 -13.48 4.56
CA ARG A 54 23.15 -14.00 3.32
C ARG A 54 21.65 -13.66 3.20
N ALA A 55 21.18 -12.73 4.02
CA ALA A 55 19.76 -12.38 4.05
C ALA A 55 19.18 -12.02 2.66
N LEU A 56 19.85 -11.13 1.94
CA LEU A 56 19.33 -10.70 0.63
C LEU A 56 19.41 -11.81 -0.40
N GLU A 57 20.50 -12.58 -0.35
CA GLU A 57 20.64 -13.77 -1.20
C GLU A 57 19.42 -14.68 -0.98
N ALA A 58 19.09 -14.92 0.30
CA ALA A 58 17.90 -15.74 0.68
C ALA A 58 16.59 -15.14 0.15
N LEU A 59 16.39 -13.86 0.41
CA LEU A 59 15.21 -13.19 -0.15
C LEU A 59 15.05 -13.40 -1.66
N LYS A 60 16.10 -13.12 -2.42
CA LYS A 60 16.09 -13.31 -3.86
C LYS A 60 15.84 -14.77 -4.25
N LEU A 61 16.49 -15.69 -3.58
CA LEU A 61 16.31 -17.09 -3.86
C LEU A 61 14.86 -17.53 -3.65
N ALA A 62 14.29 -17.08 -2.53
CA ALA A 62 12.91 -17.38 -2.18
C ALA A 62 11.98 -16.94 -3.31
N LEU A 63 12.18 -15.72 -3.79
CA LEU A 63 11.33 -15.14 -4.81
C LEU A 63 11.63 -15.69 -6.19
N ASP A 64 12.91 -15.83 -6.51
CA ASP A 64 13.33 -16.46 -7.76
C ASP A 64 12.74 -17.88 -7.84
N SER A 65 12.65 -18.55 -6.70
CA SER A 65 12.16 -19.92 -6.68
C SER A 65 10.64 -20.01 -6.73
N GLY A 66 9.95 -18.89 -6.62
CA GLY A 66 8.50 -18.90 -6.79
C GLY A 66 7.74 -19.05 -5.49
N HIS A 67 8.44 -19.00 -4.37
CA HIS A 67 7.81 -18.95 -3.05
C HIS A 67 7.19 -17.59 -2.74
N ILE A 68 6.16 -17.65 -1.91
CA ILE A 68 5.40 -16.46 -1.58
C ILE A 68 6.05 -15.76 -0.40
N VAL A 69 6.21 -14.45 -0.51
CA VAL A 69 6.74 -13.64 0.57
C VAL A 69 5.60 -12.81 1.19
N GLY A 70 5.46 -12.91 2.50
CA GLY A 70 4.43 -12.21 3.26
C GLY A 70 5.10 -11.36 4.35
N ASN A 71 4.28 -10.52 4.96
CA ASN A 71 4.73 -9.53 5.93
C ASN A 71 4.67 -9.98 7.38
N HIS A 72 5.81 -10.04 8.03
CA HIS A 72 5.86 -10.40 9.43
C HIS A 72 6.27 -9.25 10.37
N SER A 73 6.31 -8.03 9.79
CA SER A 73 6.71 -6.80 10.48
C SER A 73 8.24 -6.62 10.38
N TYR A 74 8.69 -5.38 10.50
CA TYR A 74 10.09 -5.05 10.26
C TYR A 74 11.01 -5.75 11.26
N ASP A 75 10.67 -5.68 12.54
CA ASP A 75 11.59 -6.11 13.60
C ASP A 75 11.01 -7.10 14.59
N HIS A 76 9.90 -7.71 14.23
CA HIS A 76 9.31 -8.74 15.07
C HIS A 76 8.91 -8.19 16.42
N MET A 77 8.61 -6.88 16.43
CA MET A 77 8.22 -6.13 17.62
C MET A 77 9.32 -6.07 18.68
N ILE A 78 10.59 -6.21 18.30
CA ILE A 78 11.67 -6.16 19.28
C ILE A 78 11.78 -4.78 19.93
N HIS A 79 11.30 -3.76 19.21
CA HIS A 79 11.20 -2.41 19.78
C HIS A 79 10.32 -2.36 21.04
N ASN A 80 9.42 -3.31 21.23
CA ASN A 80 8.64 -3.38 22.47
C ASN A 80 9.29 -4.21 23.57
N CYS A 81 10.45 -4.80 23.27
CA CYS A 81 11.15 -5.66 24.22
C CYS A 81 12.30 -4.88 24.89
N VAL A 82 12.59 -3.70 24.37
CA VAL A 82 13.74 -2.93 24.86
C VAL A 82 13.35 -1.49 25.19
N GLU A 83 14.22 -0.80 25.94
CA GLU A 83 14.01 0.60 26.30
C GLU A 83 14.12 1.52 25.08
N GLU A 84 15.16 1.36 24.25
CA GLU A 84 15.32 2.15 23.02
C GLU A 84 15.77 1.22 21.91
N PHE A 85 15.05 1.24 20.80
CA PHE A 85 15.39 0.35 19.72
C PHE A 85 16.62 0.78 18.93
N GLY A 86 17.54 -0.16 18.73
CA GLY A 86 18.74 0.07 17.97
C GLY A 86 19.39 -1.22 17.50
N PRO A 87 20.62 -1.13 17.00
CA PRO A 87 21.36 -2.26 16.42
C PRO A 87 21.61 -3.43 17.38
N THR A 88 21.61 -3.18 18.67
CA THR A 88 21.84 -4.25 19.64
C THR A 88 20.56 -4.82 20.23
N SER A 89 19.41 -4.25 19.88
CA SER A 89 18.16 -4.61 20.56
C SER A 89 17.82 -6.09 20.40
N GLY A 90 18.08 -6.64 19.21
CA GLY A 90 17.86 -8.06 18.99
C GLY A 90 18.70 -8.93 19.94
N ALA A 91 19.98 -8.60 20.06
CA ALA A 91 20.83 -9.30 21.03
C ALA A 91 20.35 -9.03 22.45
N ASP A 92 19.96 -7.80 22.72
CA ASP A 92 19.47 -7.44 24.05
C ASP A 92 18.25 -8.27 24.45
N CYS A 93 17.28 -8.32 23.55
CA CYS A 93 16.08 -9.07 23.84
C CYS A 93 16.39 -10.56 23.91
N ASN A 94 17.29 -11.04 23.06
CA ASN A 94 17.72 -12.43 23.14
C ASN A 94 18.38 -12.73 24.47
N ALA A 95 19.05 -11.74 25.05
CA ALA A 95 19.67 -11.88 26.37
C ALA A 95 18.64 -12.16 27.45
N THR A 96 17.53 -11.42 27.40
CA THR A 96 16.48 -11.57 28.42
C THR A 96 15.51 -12.70 28.09
N GLY A 97 15.34 -13.00 26.81
CA GLY A 97 14.29 -13.88 26.35
C GLY A 97 12.91 -13.32 26.65
N ASN A 98 12.75 -11.99 26.65
CA ASN A 98 11.46 -11.36 27.01
C ASN A 98 10.54 -11.03 25.82
N HIS A 99 10.78 -11.70 24.69
CA HIS A 99 10.02 -11.47 23.48
C HIS A 99 8.49 -11.49 23.61
N GLN A 100 7.92 -12.40 24.42
CA GLN A 100 6.45 -12.42 24.53
C GLN A 100 5.88 -11.57 25.68
N ILE A 101 6.75 -10.77 26.33
CA ILE A 101 6.28 -9.81 27.37
C ILE A 101 6.24 -8.39 26.80
N HIS A 102 5.08 -7.73 26.95
CA HIS A 102 4.87 -6.38 26.43
C HIS A 102 5.11 -6.31 24.93
N SER A 103 4.78 -7.39 24.22
CA SER A 103 5.14 -7.51 22.81
C SER A 103 4.48 -6.45 21.95
N TYR A 104 3.22 -6.14 22.29
CA TYR A 104 2.46 -5.13 21.59
C TYR A 104 2.13 -4.03 22.62
N GLN A 105 2.20 -2.77 22.19
CA GLN A 105 1.92 -1.64 23.11
C GLN A 105 1.13 -0.53 22.47
N ASP A 106 1.78 0.24 21.60
CA ASP A 106 1.08 1.22 20.77
C ASP A 106 0.67 0.58 19.43
N PRO A 107 -0.62 0.21 19.31
CA PRO A 107 -0.90 -0.58 18.11
C PRO A 107 -0.64 0.20 16.82
N VAL A 108 -0.68 1.54 16.88
CA VAL A 108 -0.44 2.34 15.67
C VAL A 108 1.02 2.23 15.20
N ARG A 109 1.93 2.43 16.15
CA ARG A 109 3.33 2.20 15.90
C ARG A 109 3.54 0.76 15.46
N ASP A 110 2.97 -0.19 16.19
CA ASP A 110 3.22 -1.61 15.88
C ASP A 110 2.73 -1.99 14.47
N ALA A 111 1.58 -1.48 14.06
CA ALA A 111 1.08 -1.70 12.71
C ALA A 111 2.00 -1.06 11.69
N ALA A 112 2.57 0.08 12.05
CA ALA A 112 3.47 0.81 11.16
C ALA A 112 4.71 -0.02 10.86
N SER A 113 5.07 -0.91 11.78
CA SER A 113 6.21 -1.80 11.61
C SER A 113 6.03 -2.69 10.41
N PHE A 114 4.77 -2.93 10.04
CA PHE A 114 4.47 -3.74 8.87
C PHE A 114 4.73 -2.95 7.59
N GLU A 115 4.46 -1.64 7.64
CA GLU A 115 4.72 -0.79 6.48
C GLU A 115 6.21 -0.54 6.34
N GLN A 116 6.90 -0.41 7.47
CA GLN A 116 8.32 -0.19 7.43
C GLN A 116 9.03 -1.41 6.83
N ASN A 117 8.45 -2.57 7.08
CA ASN A 117 9.00 -3.82 6.57
C ASN A 117 9.12 -3.76 5.06
N LEU A 118 8.05 -3.29 4.43
CA LEU A 118 7.99 -3.18 3.00
C LEU A 118 8.97 -2.14 2.47
N ILE A 119 9.08 -1.00 3.14
CA ILE A 119 10.10 -0.01 2.80
C ILE A 119 11.47 -0.69 2.75
N THR A 120 11.85 -1.37 3.81
CA THR A 120 13.10 -2.09 3.84
C THR A 120 13.24 -3.18 2.78
N LEU A 121 12.21 -3.97 2.57
CA LEU A 121 12.31 -5.01 1.54
C LEU A 121 12.52 -4.39 0.15
N GLU A 122 11.80 -3.31 -0.12
CA GLU A 122 11.87 -2.67 -1.43
C GLU A 122 13.12 -1.80 -1.60
N LYS A 123 13.84 -1.61 -0.50
CA LYS A 123 15.10 -0.91 -0.53
C LYS A 123 16.23 -1.87 -0.91
N TYR A 124 16.27 -3.02 -0.25
CA TYR A 124 17.31 -4.02 -0.54
C TYR A 124 17.07 -4.74 -1.85
N LEU A 125 15.81 -4.89 -2.25
CA LEU A 125 15.50 -5.52 -3.53
C LEU A 125 14.55 -4.61 -4.31
N PRO A 126 15.09 -3.58 -4.97
CA PRO A 126 14.29 -2.58 -5.64
C PRO A 126 13.36 -3.14 -6.71
N THR A 127 13.65 -4.37 -7.16
CA THR A 127 12.81 -5.04 -8.15
C THR A 127 11.70 -5.92 -7.58
N ILE A 128 11.54 -5.93 -6.26
CA ILE A 128 10.68 -6.92 -5.63
C ILE A 128 9.22 -6.86 -6.14
N ARG A 129 8.74 -5.66 -6.46
CA ARG A 129 7.36 -5.56 -6.93
C ARG A 129 7.12 -6.16 -8.30
N SER A 130 8.20 -6.50 -9.01
CA SER A 130 8.09 -7.13 -10.31
C SER A 130 7.91 -8.65 -10.17
N TYR A 131 7.94 -9.15 -8.93
CA TYR A 131 7.60 -10.57 -8.65
C TYR A 131 6.13 -10.70 -8.22
N PRO A 132 5.33 -11.45 -8.99
CA PRO A 132 3.94 -11.65 -8.58
C PRO A 132 3.83 -12.39 -7.25
N ASN A 133 4.83 -13.20 -6.91
CA ASN A 133 4.87 -13.89 -5.63
C ASN A 133 5.33 -13.02 -4.45
N TYR A 134 5.63 -11.75 -4.69
CA TYR A 134 5.79 -10.81 -3.57
C TYR A 134 4.42 -10.36 -3.10
N LYS A 135 4.03 -10.77 -1.88
CA LYS A 135 2.71 -10.44 -1.35
C LYS A 135 2.81 -9.72 -0.02
N GLY A 136 3.88 -8.96 0.14
CA GLY A 136 4.20 -8.39 1.44
C GLY A 136 3.15 -7.37 1.87
N TYR A 137 2.42 -6.86 0.88
CA TYR A 137 1.42 -5.84 1.10
C TYR A 137 -0.01 -6.43 1.09
N GLU A 138 -0.15 -7.75 0.93
CA GLU A 138 -1.47 -8.41 0.96
C GLU A 138 -1.63 -9.40 2.08
N LEU A 139 -0.54 -10.03 2.48
CA LEU A 139 -0.56 -11.15 3.42
C LEU A 139 0.35 -10.88 4.57
N ALA A 140 -0.15 -11.09 5.79
CA ALA A 140 0.65 -10.84 6.94
C ALA A 140 0.40 -11.87 8.01
N ARG A 141 1.32 -11.93 8.95
CA ARG A 141 1.14 -12.69 10.17
C ARG A 141 1.77 -11.91 11.33
N LEU A 142 1.08 -11.88 12.46
CA LEU A 142 1.57 -11.16 13.62
C LEU A 142 2.58 -11.97 14.41
N PRO A 143 3.70 -11.35 14.78
CA PRO A 143 4.62 -12.00 15.71
C PRO A 143 3.91 -12.55 16.97
N TYR A 144 4.15 -13.84 17.21
CA TYR A 144 3.83 -14.56 18.46
C TYR A 144 2.42 -15.06 18.45
N THR A 145 1.65 -14.63 17.47
CA THR A 145 0.20 -14.55 17.64
C THR A 145 -0.55 -15.37 16.61
N ASN A 146 -1.27 -16.39 17.08
CA ASN A 146 -2.13 -17.20 16.22
C ASN A 146 -3.44 -16.46 16.03
N GLY A 147 -3.39 -15.45 15.17
CA GLY A 147 -4.51 -14.55 14.95
C GLY A 147 -4.89 -14.54 13.49
N TRP A 148 -6.18 -14.37 13.23
CA TRP A 148 -6.70 -14.52 11.89
C TRP A 148 -7.61 -13.35 11.50
N ARG A 149 -7.38 -12.78 10.31
CA ARG A 149 -8.26 -11.84 9.66
C ARG A 149 -8.37 -12.32 8.20
N VAL A 150 -9.35 -13.17 7.93
CA VAL A 150 -9.42 -13.87 6.65
C VAL A 150 -10.61 -13.38 5.87
N THR A 151 -11.77 -13.43 6.51
CA THR A 151 -12.96 -12.88 5.90
C THR A 151 -13.75 -12.13 6.96
N LYS A 152 -14.79 -11.47 6.51
CA LYS A 152 -15.68 -10.73 7.38
C LYS A 152 -16.21 -11.59 8.53
N HIS A 153 -16.37 -12.89 8.27
CA HIS A 153 -16.87 -13.85 9.27
C HIS A 153 -15.87 -14.88 9.74
N PHE A 154 -14.62 -14.71 9.34
CA PHE A 154 -13.56 -15.64 9.67
C PHE A 154 -12.48 -14.75 10.21
N GLN A 155 -12.62 -14.47 11.50
CA GLN A 155 -11.72 -13.61 12.25
C GLN A 155 -11.61 -14.13 13.67
N ALA A 156 -10.40 -14.22 14.21
CA ALA A 156 -10.26 -14.64 15.60
C ALA A 156 -8.86 -14.37 16.07
N ASP A 157 -8.72 -14.15 17.38
CA ASP A 157 -7.47 -13.72 17.96
C ASP A 157 -6.81 -14.76 18.87
N GLY A 158 -5.49 -14.60 18.98
CA GLY A 158 -4.71 -15.37 19.90
C GLY A 158 -4.76 -14.68 21.24
N LEU A 159 -5.67 -15.12 22.10
CA LEU A 159 -6.07 -14.33 23.24
C LEU A 159 -5.11 -14.46 24.40
N CYS A 160 -4.20 -15.42 24.32
CA CYS A 160 -3.12 -15.56 25.31
C CYS A 160 -1.74 -15.51 24.67
N ALA A 161 -1.65 -14.97 23.46
CA ALA A 161 -0.41 -14.99 22.70
C ALA A 161 0.75 -14.31 23.40
N THR A 162 0.50 -13.13 23.94
CA THR A 162 1.56 -12.36 24.58
C THR A 162 1.10 -11.90 25.98
N SER A 163 2.07 -11.52 26.81
CA SER A 163 1.85 -11.33 28.26
C SER A 163 2.26 -9.95 28.77
N ASP A 164 1.74 -9.58 29.93
CA ASP A 164 2.13 -8.34 30.61
C ASP A 164 3.12 -8.57 31.74
N ASN A 165 3.54 -9.83 31.94
CA ASN A 165 4.54 -10.11 32.98
C ASN A 165 5.30 -11.42 32.82
N LEU A 166 4.64 -12.53 33.08
CA LEU A 166 5.29 -13.84 33.08
C LEU A 166 5.26 -14.49 31.69
N LYS A 167 6.31 -15.21 31.38
CA LYS A 167 6.33 -16.03 30.16
C LYS A 167 5.33 -17.18 30.33
N PRO A 168 4.68 -17.61 29.24
CA PRO A 168 3.62 -18.63 29.32
C PRO A 168 4.10 -19.98 29.87
N TRP A 169 5.41 -20.24 29.80
CA TRP A 169 5.98 -21.46 30.37
C TRP A 169 6.52 -21.31 31.80
N GLU A 170 6.41 -20.12 32.38
CA GLU A 170 6.91 -19.88 33.74
C GLU A 170 5.91 -20.32 34.80
N PRO A 171 6.43 -20.67 35.98
CA PRO A 171 5.52 -20.93 37.09
C PRO A 171 4.73 -19.68 37.40
N GLY A 172 3.42 -19.84 37.58
CA GLY A 172 2.58 -18.76 38.05
C GLY A 172 1.86 -18.03 36.94
N TYR A 173 2.23 -18.33 35.70
CA TYR A 173 1.57 -17.69 34.56
C TYR A 173 0.10 -18.08 34.48
N VAL A 174 -0.75 -17.08 34.29
CA VAL A 174 -2.18 -17.24 34.24
C VAL A 174 -2.71 -16.45 33.05
N CYS A 175 -3.65 -17.02 32.32
CA CYS A 175 -4.28 -16.29 31.22
C CYS A 175 -5.79 -16.44 31.34
N ASP A 176 -6.49 -15.36 31.04
CA ASP A 176 -7.95 -15.38 31.05
C ASP A 176 -8.36 -14.85 29.70
N PRO A 177 -8.76 -15.75 28.78
CA PRO A 177 -9.14 -15.36 27.42
C PRO A 177 -10.27 -14.33 27.44
N ALA A 178 -11.12 -14.37 28.48
CA ALA A 178 -12.21 -13.39 28.63
C ALA A 178 -11.69 -12.00 28.94
N ASN A 179 -10.49 -11.93 29.50
CA ASN A 179 -9.85 -10.65 29.88
C ASN A 179 -8.40 -10.62 29.47
N PRO A 180 -8.16 -10.48 28.17
CA PRO A 180 -6.81 -10.69 27.67
C PRO A 180 -5.86 -9.61 28.19
N SER A 181 -4.57 -9.91 28.22
CA SER A 181 -3.55 -8.95 28.60
C SER A 181 -3.57 -7.68 27.73
N ASN A 182 -2.95 -6.63 28.24
CA ASN A 182 -2.74 -5.41 27.46
C ASN A 182 -2.00 -5.65 26.15
N SER A 183 -1.04 -6.56 26.19
CA SER A 183 -0.26 -6.86 24.98
C SER A 183 -1.18 -7.48 23.92
N VAL A 184 -1.99 -8.44 24.34
CA VAL A 184 -2.97 -9.05 23.43
C VAL A 184 -4.01 -8.04 22.94
N LYS A 185 -4.50 -7.19 23.82
CA LYS A 185 -5.49 -6.19 23.40
C LYS A 185 -4.86 -5.28 22.35
N ALA A 186 -3.60 -4.89 22.51
CA ALA A 186 -2.95 -4.09 21.49
C ALA A 186 -2.81 -4.87 20.18
N SER A 187 -2.51 -6.16 20.29
CA SER A 187 -2.27 -6.97 19.10
C SER A 187 -3.55 -7.11 18.29
N ILE A 188 -4.70 -7.11 18.96
CA ILE A 188 -6.00 -7.19 18.28
C ILE A 188 -6.24 -5.93 17.46
N GLN A 189 -5.92 -4.79 18.05
CA GLN A 189 -6.01 -3.53 17.33
C GLN A 189 -5.04 -3.46 16.15
N VAL A 190 -3.85 -4.02 16.30
CA VAL A 190 -2.94 -4.15 15.15
C VAL A 190 -3.57 -5.01 14.00
N GLN A 191 -4.16 -6.13 14.35
CA GLN A 191 -4.89 -6.96 13.37
C GLN A 191 -5.87 -6.09 12.58
N ASN A 192 -6.66 -5.32 13.32
CA ASN A 192 -7.67 -4.48 12.71
C ASN A 192 -7.11 -3.36 11.84
N ILE A 193 -6.03 -2.71 12.28
CA ILE A 193 -5.37 -1.74 11.43
C ILE A 193 -4.88 -2.36 10.11
N LEU A 194 -4.22 -3.52 10.17
CA LEU A 194 -3.79 -4.20 8.94
C LEU A 194 -4.97 -4.57 8.06
N ALA A 195 -6.05 -5.09 8.65
CA ALA A 195 -7.20 -5.47 7.82
C ALA A 195 -7.75 -4.26 7.04
N ASN A 196 -7.76 -3.11 7.69
CA ASN A 196 -8.18 -1.88 7.01
C ASN A 196 -7.24 -1.39 5.93
N GLN A 197 -6.01 -1.88 5.92
CA GLN A 197 -5.06 -1.61 4.82
C GLN A 197 -5.16 -2.73 3.77
N GLY A 198 -6.08 -3.68 4.01
CA GLY A 198 -6.41 -4.71 3.02
C GLY A 198 -5.58 -6.00 3.20
N TYR A 199 -4.89 -6.13 4.32
CA TYR A 199 -4.19 -7.37 4.62
C TYR A 199 -5.18 -8.46 4.98
N GLN A 200 -4.84 -9.68 4.61
CA GLN A 200 -5.30 -10.84 5.34
C GLN A 200 -4.18 -11.23 6.30
N THR A 201 -4.56 -11.72 7.46
CA THR A 201 -3.60 -12.32 8.35
C THR A 201 -4.06 -13.74 8.66
N HIS A 202 -3.08 -14.63 8.80
CA HIS A 202 -3.35 -16.03 9.09
C HIS A 202 -2.48 -16.49 10.23
N GLY A 203 -3.05 -17.37 11.04
CA GLY A 203 -2.31 -18.09 12.04
C GLY A 203 -1.87 -19.44 11.52
N TRP A 204 -1.98 -20.44 12.39
CA TRP A 204 -1.54 -21.79 12.03
C TRP A 204 -2.32 -22.86 12.79
N ASP A 205 -2.18 -24.10 12.30
CA ASP A 205 -2.85 -25.26 12.87
C ASP A 205 -1.85 -26.04 13.73
N VAL A 206 -0.65 -26.15 13.20
CA VAL A 206 0.40 -26.88 13.87
C VAL A 206 1.72 -26.15 13.72
N ASP A 207 2.60 -26.39 14.67
CA ASP A 207 3.83 -25.66 14.79
C ASP A 207 4.97 -26.66 14.92
N TRP A 208 5.91 -26.62 13.98
CA TRP A 208 7.06 -27.50 14.00
C TRP A 208 8.14 -26.84 14.84
N ALA A 209 8.06 -27.13 16.13
CA ALA A 209 8.70 -26.39 17.20
C ALA A 209 8.95 -27.27 18.39
N PRO A 210 9.80 -26.81 19.31
CA PRO A 210 9.86 -27.38 20.66
C PRO A 210 8.53 -27.24 21.38
N GLU A 211 8.34 -27.94 22.49
N GLU A 211 8.32 -27.96 22.49
CA GLU A 211 7.05 -27.93 23.17
CA GLU A 211 7.03 -27.94 23.18
C GLU A 211 6.66 -26.50 23.50
C GLU A 211 6.66 -26.49 23.49
N ASN A 212 7.64 -25.74 24.01
CA ASN A 212 7.47 -24.33 24.32
C ASN A 212 8.82 -23.65 24.20
N TRP A 213 8.80 -22.33 24.15
CA TRP A 213 10.03 -21.62 23.82
C TRP A 213 10.96 -21.40 25.02
N GLY A 214 10.57 -21.89 26.18
CA GLY A 214 11.49 -21.99 27.29
C GLY A 214 12.46 -23.16 27.13
N ILE A 215 12.21 -24.03 26.15
CA ILE A 215 13.00 -25.24 26.03
C ILE A 215 14.41 -24.91 25.50
N PRO A 216 15.46 -25.26 26.27
CA PRO A 216 16.84 -24.96 25.83
C PRO A 216 17.24 -25.74 24.58
N MET A 217 18.08 -25.15 23.74
CA MET A 217 18.47 -25.74 22.46
C MET A 217 17.24 -26.20 21.67
N PRO A 218 16.32 -25.27 21.37
CA PRO A 218 15.03 -25.52 20.70
C PRO A 218 15.13 -26.36 19.42
N ALA A 219 16.20 -26.12 18.64
CA ALA A 219 16.40 -26.81 17.38
C ALA A 219 16.64 -28.30 17.57
N ASN A 220 17.01 -28.70 18.78
CA ASN A 220 17.27 -30.11 19.06
C ASN A 220 16.03 -30.86 19.53
N SER A 221 14.86 -30.22 19.48
CA SER A 221 13.63 -30.89 19.90
C SER A 221 12.50 -30.64 18.96
N LEU A 222 12.77 -30.79 17.66
CA LEU A 222 11.68 -30.89 16.68
C LEU A 222 11.25 -32.33 16.44
N THR A 223 9.95 -32.50 16.28
CA THR A 223 9.36 -33.79 15.99
C THR A 223 9.96 -34.38 14.70
N GLU A 224 10.14 -35.70 14.66
CA GLU A 224 10.55 -36.36 13.41
C GLU A 224 9.44 -36.24 12.38
N ALA A 225 9.77 -36.41 11.10
CA ALA A 225 8.83 -36.33 10.00
C ALA A 225 7.58 -37.19 10.15
N VAL A 226 7.73 -38.47 10.52
CA VAL A 226 6.57 -39.36 10.61
C VAL A 226 5.63 -38.91 11.72
N PRO A 227 6.13 -38.75 12.94
CA PRO A 227 5.23 -38.25 13.96
C PRO A 227 4.65 -36.90 13.56
N PHE A 228 5.44 -36.06 12.89
CA PHE A 228 4.92 -34.74 12.54
C PHE A 228 3.76 -34.88 11.56
N LEU A 229 3.91 -35.80 10.59
CA LEU A 229 2.80 -36.14 9.70
C LEU A 229 1.56 -36.66 10.48
N ALA A 230 1.80 -37.49 11.49
CA ALA A 230 0.69 -37.99 12.31
C ALA A 230 -0.07 -36.80 12.90
N TYR A 231 0.71 -35.79 13.28
CA TYR A 231 0.19 -34.62 13.99
C TYR A 231 -0.64 -33.78 13.03
N VAL A 232 -0.12 -33.65 11.82
CA VAL A 232 -0.84 -33.02 10.74
C VAL A 232 -2.15 -33.77 10.45
N ASP A 233 -2.10 -35.11 10.38
CA ASP A 233 -3.31 -35.92 10.15
C ASP A 233 -4.36 -35.63 11.21
N LYS A 234 -3.88 -35.40 12.41
CA LYS A 234 -4.72 -35.17 13.56
C LYS A 234 -5.33 -33.81 13.43
N ALA A 235 -4.51 -32.86 13.01
CA ALA A 235 -5.01 -31.48 12.89
C ALA A 235 -6.08 -31.34 11.80
N LEU A 236 -6.06 -32.21 10.79
CA LEU A 236 -6.99 -32.09 9.65
C LEU A 236 -8.45 -32.16 10.10
N ASN A 237 -9.20 -31.10 9.78
CA ASN A 237 -10.61 -30.98 10.14
C ASN A 237 -10.92 -31.16 11.63
N SER A 238 -9.96 -30.91 12.53
CA SER A 238 -10.22 -31.06 13.97
C SER A 238 -10.11 -29.73 14.72
N CYS A 239 -10.28 -28.63 14.00
CA CYS A 239 -10.23 -27.28 14.61
C CYS A 239 -8.98 -27.10 15.48
N SER A 240 -7.84 -27.36 14.87
CA SER A 240 -6.57 -27.42 15.58
C SER A 240 -6.14 -26.12 16.30
N PRO A 241 -6.54 -24.94 15.78
CA PRO A 241 -6.15 -23.75 16.54
C PRO A 241 -6.75 -23.64 17.93
N THR A 242 -7.83 -24.33 18.22
CA THR A 242 -8.46 -24.31 19.57
C THR A 242 -7.87 -25.39 20.50
N THR A 243 -7.40 -26.50 19.94
CA THR A 243 -6.86 -27.63 20.73
C THR A 243 -5.34 -27.61 20.93
N ILE A 244 -4.65 -26.83 20.11
CA ILE A 244 -3.20 -26.74 20.13
C ILE A 244 -2.65 -26.35 21.49
N GLU A 245 -1.49 -26.90 21.81
CA GLU A 245 -0.71 -26.47 22.96
C GLU A 245 0.61 -25.89 22.45
N PRO A 246 1.23 -24.97 23.21
CA PRO A 246 0.80 -24.47 24.52
C PRO A 246 -0.27 -23.37 24.42
N ILE A 247 -0.71 -22.90 25.57
CA ILE A 247 -1.89 -22.05 25.64
C ILE A 247 -1.71 -20.76 24.82
N ASN A 248 -0.50 -20.23 24.80
CA ASN A 248 -0.21 -18.99 24.07
C ASN A 248 -0.25 -19.15 22.55
N SER A 249 -0.37 -20.39 22.10
CA SER A 249 -0.49 -20.67 20.66
C SER A 249 -1.95 -20.81 20.18
N LYS A 250 -2.91 -20.75 21.09
CA LYS A 250 -4.30 -21.02 20.74
C LYS A 250 -5.01 -19.82 20.12
N THR A 251 -5.99 -20.16 19.29
CA THR A 251 -6.98 -19.22 18.81
C THR A 251 -8.31 -19.73 19.35
N GLN A 252 -8.68 -19.24 20.53
CA GLN A 252 -9.84 -19.75 21.28
C GLN A 252 -11.17 -19.70 20.52
N GLU A 253 -11.41 -18.61 19.80
CA GLU A 253 -12.68 -18.40 19.12
C GLU A 253 -12.57 -18.65 17.63
N PHE A 254 -11.57 -19.43 17.23
CA PHE A 254 -11.47 -19.88 15.84
C PHE A 254 -12.81 -20.54 15.48
N PRO A 255 -13.39 -20.16 14.32
CA PRO A 255 -14.70 -20.70 13.90
C PRO A 255 -14.60 -22.14 13.41
N CYS A 256 -14.67 -23.11 14.33
CA CYS A 256 -14.59 -24.53 13.98
C CYS A 256 -15.56 -24.87 12.84
N GLY A 257 -15.08 -25.67 11.89
CA GLY A 257 -15.92 -26.09 10.77
C GLY A 257 -16.18 -25.04 9.69
N THR A 258 -15.55 -23.88 9.78
CA THR A 258 -15.69 -22.85 8.75
C THR A 258 -15.26 -23.48 7.40
N PRO A 259 -16.09 -23.32 6.36
CA PRO A 259 -15.79 -24.02 5.10
C PRO A 259 -14.42 -23.69 4.48
N LEU A 260 -13.92 -22.46 4.64
CA LEU A 260 -12.63 -22.09 4.08
C LEU A 260 -11.52 -22.93 4.68
N HIS A 261 -11.68 -23.37 5.93
CA HIS A 261 -10.61 -24.09 6.59
C HIS A 261 -10.67 -25.59 6.37
N ALA A 262 -11.71 -26.06 5.71
CA ALA A 262 -11.94 -27.49 5.58
C ALA A 262 -10.85 -28.14 4.73
N ASP A 263 -10.38 -29.32 5.16
CA ASP A 263 -9.34 -30.09 4.48
C ASP A 263 -8.01 -29.34 4.33
N LYS A 264 -7.69 -28.53 5.33
CA LYS A 264 -6.47 -27.72 5.29
C LYS A 264 -5.71 -27.75 6.59
N VAL A 265 -4.41 -27.71 6.47
CA VAL A 265 -3.54 -27.55 7.64
C VAL A 265 -2.41 -26.60 7.32
N ILE A 266 -2.33 -25.55 8.12
CA ILE A 266 -1.25 -24.57 8.04
C ILE A 266 -0.18 -24.88 9.05
N VAL A 267 1.02 -25.09 8.52
CA VAL A 267 2.18 -25.36 9.33
C VAL A 267 3.02 -24.11 9.52
N LEU A 268 3.30 -23.82 10.78
CA LEU A 268 4.25 -22.81 11.17
C LEU A 268 5.57 -23.46 11.52
N THR A 269 6.65 -22.94 10.95
CA THR A 269 7.96 -23.22 11.50
C THR A 269 8.87 -22.00 11.35
N HIS A 270 10.09 -22.09 11.87
CA HIS A 270 11.03 -20.98 11.76
C HIS A 270 12.33 -21.38 11.08
N ASP A 271 12.68 -20.61 10.05
CA ASP A 271 13.95 -20.81 9.34
C ASP A 271 15.10 -21.08 10.30
N PHE A 272 15.13 -20.36 11.42
CA PHE A 272 16.28 -20.44 12.32
C PHE A 272 16.41 -21.79 13.01
N LEU A 273 15.37 -22.60 12.94
CA LEU A 273 15.42 -23.90 13.53
C LEU A 273 16.17 -24.88 12.60
N PHE A 274 16.52 -24.43 11.40
CA PHE A 274 17.21 -25.28 10.43
C PHE A 274 18.69 -24.90 10.27
N GLU A 275 19.27 -24.46 11.38
CA GLU A 275 20.65 -23.99 11.42
C GLU A 275 21.43 -24.71 12.51
N ASP A 276 22.63 -25.18 12.18
CA ASP A 276 23.57 -25.67 13.19
C ASP A 276 24.23 -24.46 13.82
N GLY A 277 24.04 -24.33 15.13
CA GLY A 277 24.46 -23.15 15.84
C GLY A 277 23.89 -23.08 17.23
N LYS A 278 23.57 -21.86 17.67
CA LYS A 278 23.29 -21.59 19.06
C LYS A 278 22.00 -22.21 19.57
N ARG A 279 21.12 -22.65 18.66
CA ARG A 279 19.86 -23.32 19.09
C ARG A 279 19.91 -24.85 19.01
N GLY A 280 21.01 -25.37 18.47
CA GLY A 280 21.21 -26.80 18.35
C GLY A 280 21.64 -27.11 16.95
N MET A 281 21.58 -28.39 16.60
CA MET A 281 22.09 -28.87 15.32
C MET A 281 20.92 -28.91 14.34
N GLY A 282 20.34 -27.74 14.11
CA GLY A 282 19.19 -27.58 13.24
C GLY A 282 19.36 -28.02 11.80
N ALA A 283 20.48 -27.70 11.18
CA ALA A 283 20.66 -28.05 9.76
C ALA A 283 20.82 -29.54 9.64
N THR A 284 21.71 -30.08 10.46
CA THR A 284 21.98 -31.51 10.44
C THR A 284 20.75 -32.30 10.80
N GLN A 285 19.99 -31.86 11.79
CA GLN A 285 18.91 -32.67 12.32
C GLN A 285 17.62 -32.43 11.55
N ASN A 286 17.33 -31.17 11.27
CA ASN A 286 15.98 -30.81 10.81
C ASN A 286 15.80 -30.59 9.33
N LEU A 287 16.88 -30.30 8.59
CA LEU A 287 16.72 -30.23 7.12
C LEU A 287 16.25 -31.58 6.57
N PRO A 288 16.81 -32.69 7.07
CA PRO A 288 16.35 -33.96 6.51
C PRO A 288 14.88 -34.28 6.90
N LYS A 289 14.47 -33.82 8.08
CA LYS A 289 13.10 -34.04 8.54
C LYS A 289 12.15 -33.36 7.58
N LEU A 290 12.52 -32.16 7.15
CA LEU A 290 11.68 -31.38 6.25
C LEU A 290 11.58 -32.05 4.90
N ALA A 291 12.75 -32.42 4.36
CA ALA A 291 12.79 -33.23 3.14
C ALA A 291 11.89 -34.50 3.26
N GLU A 292 12.04 -35.23 4.35
CA GLU A 292 11.29 -36.47 4.49
C GLU A 292 9.80 -36.16 4.64
N PHE A 293 9.48 -35.14 5.43
CA PHE A 293 8.09 -34.80 5.68
C PHE A 293 7.36 -34.52 4.37
N ILE A 294 7.96 -33.70 3.53
CA ILE A 294 7.35 -33.35 2.26
C ILE A 294 7.08 -34.58 1.44
N ARG A 295 8.06 -35.50 1.41
CA ARG A 295 7.91 -36.71 0.62
C ARG A 295 6.76 -37.60 1.13
N ILE A 296 6.78 -37.91 2.41
CA ILE A 296 5.76 -38.81 2.97
C ILE A 296 4.39 -38.16 3.05
N ALA A 297 4.32 -36.83 3.09
CA ALA A 297 3.02 -36.14 3.04
C ALA A 297 2.37 -36.34 1.66
N LYS A 298 3.16 -36.16 0.62
CA LYS A 298 2.64 -36.36 -0.71
C LYS A 298 2.15 -37.80 -0.89
N GLU A 299 2.89 -38.76 -0.32
CA GLU A 299 2.54 -40.18 -0.41
C GLU A 299 1.24 -40.44 0.31
N ALA A 300 1.01 -39.71 1.39
CA ALA A 300 -0.23 -39.86 2.12
C ALA A 300 -1.40 -39.20 1.37
N GLY A 301 -1.12 -38.52 0.27
CA GLY A 301 -2.18 -37.94 -0.52
C GLY A 301 -2.41 -36.45 -0.32
N TYR A 302 -1.57 -35.80 0.50
CA TYR A 302 -1.64 -34.36 0.71
C TYR A 302 -1.03 -33.59 -0.47
N VAL A 303 -1.55 -32.41 -0.76
CA VAL A 303 -0.84 -31.50 -1.65
C VAL A 303 -0.39 -30.28 -0.85
N PHE A 304 0.66 -29.63 -1.35
CA PHE A 304 1.15 -28.41 -0.74
C PHE A 304 0.76 -27.17 -1.54
N ASP A 305 0.39 -26.11 -0.84
CA ASP A 305 0.06 -24.86 -1.48
C ASP A 305 0.53 -23.67 -0.63
N THR A 306 0.23 -22.47 -1.10
CA THR A 306 0.77 -21.25 -0.51
C THR A 306 -0.36 -20.34 -0.11
N MET A 307 -0.07 -19.39 0.76
CA MET A 307 -1.09 -18.63 1.49
C MET A 307 -1.86 -17.64 0.61
N ASP A 308 -1.33 -17.33 -0.56
CA ASP A 308 -2.07 -16.52 -1.51
C ASP A 308 -3.23 -17.31 -2.15
N ASN A 309 -3.28 -18.63 -1.94
CA ASN A 309 -4.34 -19.49 -2.48
C ASN A 309 -5.16 -20.13 -1.37
N TYR A 310 -4.84 -19.86 -0.11
CA TYR A 310 -5.61 -20.38 1.02
C TYR A 310 -7.06 -20.02 0.86
N THR A 311 -7.30 -18.76 0.50
CA THR A 311 -8.60 -18.34 0.01
C THR A 311 -8.54 -18.56 -1.50
N PRO A 312 -9.38 -19.49 -2.01
CA PRO A 312 -9.13 -19.92 -3.39
C PRO A 312 -9.39 -18.78 -4.36
N ARG A 313 -8.50 -18.60 -5.32
CA ARG A 313 -8.64 -17.53 -6.30
C ARG A 313 -9.89 -17.74 -7.15
N TRP A 314 -10.61 -16.67 -7.43
CA TRP A 314 -11.73 -16.72 -8.35
C TRP A 314 -11.24 -17.28 -9.71
N SER A 315 -12.01 -18.17 -10.30
CA SER A 315 -11.59 -18.88 -11.50
C SER A 315 -12.74 -19.13 -12.47
N VAL A 316 -12.59 -18.61 -13.69
CA VAL A 316 -13.57 -18.78 -14.75
C VAL A 316 -13.84 -20.25 -15.05
N GLY A 317 -15.11 -20.60 -15.14
CA GLY A 317 -15.50 -21.95 -15.50
C GLY A 317 -15.74 -22.79 -14.28
N LYS A 318 -15.44 -22.23 -13.11
CA LYS A 318 -15.70 -22.90 -11.85
C LYS A 318 -17.11 -22.62 -11.34
N THR A 319 -17.76 -23.63 -10.78
CA THR A 319 -19.13 -23.47 -10.30
C THR A 319 -19.03 -23.17 -8.83
N TYR A 320 -19.69 -22.10 -8.37
CA TYR A 320 -19.67 -21.73 -6.96
C TYR A 320 -21.05 -21.92 -6.39
N GLN A 321 -21.12 -22.31 -5.12
CA GLN A 321 -22.38 -22.37 -4.39
C GLN A 321 -22.52 -21.06 -3.67
N ALA A 322 -23.77 -20.60 -3.48
CA ALA A 322 -24.07 -19.40 -2.72
C ALA A 322 -23.34 -19.47 -1.41
N GLY A 323 -22.68 -18.38 -1.03
CA GLY A 323 -22.01 -18.29 0.25
C GLY A 323 -20.55 -18.69 0.25
N GLU A 324 -20.07 -19.28 -0.84
CA GLU A 324 -18.67 -19.65 -0.99
C GLU A 324 -17.77 -18.43 -1.14
N TYR A 325 -16.55 -18.57 -0.65
CA TYR A 325 -15.59 -17.46 -0.65
C TYR A 325 -14.50 -17.59 -1.70
N VAL A 326 -14.13 -16.48 -2.32
CA VAL A 326 -13.00 -16.45 -3.21
C VAL A 326 -12.12 -15.24 -2.91
N LEU A 327 -10.89 -15.35 -3.37
CA LEU A 327 -9.98 -14.25 -3.33
C LEU A 327 -9.83 -13.70 -4.74
N TYR A 328 -9.94 -12.38 -4.87
CA TYR A 328 -9.80 -11.77 -6.18
C TYR A 328 -9.11 -10.43 -6.04
N GLN A 329 -7.94 -10.30 -6.69
CA GLN A 329 -7.11 -9.07 -6.66
C GLN A 329 -6.88 -8.60 -5.21
N GLY A 330 -6.60 -9.58 -4.35
CA GLY A 330 -6.29 -9.35 -2.95
C GLY A 330 -7.51 -9.08 -2.09
N VAL A 331 -8.71 -9.19 -2.68
CA VAL A 331 -9.94 -8.91 -1.96
C VAL A 331 -10.80 -10.16 -1.86
N VAL A 332 -11.31 -10.40 -0.65
CA VAL A 332 -12.17 -11.56 -0.42
C VAL A 332 -13.62 -11.28 -0.83
N TYR A 333 -14.23 -12.23 -1.53
CA TYR A 333 -15.62 -12.08 -1.92
C TYR A 333 -16.45 -13.31 -1.58
N LYS A 334 -17.78 -13.12 -1.52
CA LYS A 334 -18.73 -14.15 -1.15
C LYS A 334 -19.82 -14.26 -2.22
N ALA A 335 -20.08 -15.46 -2.71
CA ALA A 335 -21.07 -15.68 -3.78
C ALA A 335 -22.48 -15.33 -3.32
N VAL A 336 -23.17 -14.46 -4.05
CA VAL A 336 -24.54 -14.16 -3.72
C VAL A 336 -25.42 -15.34 -4.09
N ILE A 337 -25.18 -15.94 -5.27
CA ILE A 337 -25.94 -17.10 -5.70
C ILE A 337 -25.03 -18.16 -6.27
N SER A 338 -25.53 -19.39 -6.32
CA SER A 338 -24.82 -20.47 -6.97
C SER A 338 -24.82 -20.19 -8.45
N HIS A 339 -23.65 -20.34 -9.08
CA HIS A 339 -23.49 -20.04 -10.50
C HIS A 339 -22.15 -20.55 -10.98
N THR A 340 -21.99 -20.67 -12.29
CA THR A 340 -20.70 -20.97 -12.87
C THR A 340 -20.07 -19.67 -13.33
N ALA A 341 -18.82 -19.45 -12.92
CA ALA A 341 -18.11 -18.21 -13.17
C ALA A 341 -17.90 -18.06 -14.65
N GLN A 342 -18.19 -16.87 -15.17
CA GLN A 342 -17.86 -16.49 -16.53
C GLN A 342 -16.85 -15.39 -16.50
N GLN A 343 -16.16 -15.24 -17.63
CA GLN A 343 -15.11 -14.23 -17.80
C GLN A 343 -15.50 -12.86 -17.29
N ASP A 344 -16.68 -12.40 -17.69
CA ASP A 344 -17.15 -11.08 -17.30
C ASP A 344 -18.17 -11.11 -16.17
N TRP A 345 -17.96 -12.02 -15.23
CA TRP A 345 -18.78 -12.11 -14.03
C TRP A 345 -17.90 -12.06 -12.79
N ALA A 346 -16.78 -11.34 -12.91
CA ALA A 346 -15.80 -11.31 -11.85
C ALA A 346 -16.33 -10.53 -10.67
N PRO A 347 -15.82 -10.84 -9.48
CA PRO A 347 -16.23 -10.03 -8.33
C PRO A 347 -15.72 -8.57 -8.43
N SER A 348 -16.49 -7.61 -7.91
CA SER A 348 -16.13 -6.20 -7.94
C SER A 348 -16.96 -5.46 -6.93
N SER A 349 -16.84 -4.13 -6.91
CA SER A 349 -17.65 -3.34 -5.99
C SER A 349 -19.08 -3.18 -6.50
N THR A 350 -19.37 -3.63 -7.72
CA THR A 350 -20.75 -3.57 -8.22
C THR A 350 -21.29 -4.91 -8.70
N SER A 351 -20.49 -5.97 -8.61
CA SER A 351 -20.92 -7.29 -9.11
C SER A 351 -22.22 -7.71 -8.47
N SER A 352 -23.12 -8.26 -9.27
CA SER A 352 -24.39 -8.74 -8.73
C SER A 352 -24.23 -10.13 -8.12
N LEU A 353 -23.17 -10.83 -8.51
CA LEU A 353 -22.93 -12.22 -8.13
C LEU A 353 -22.09 -12.40 -6.86
N TRP A 354 -21.55 -11.32 -6.33
CA TRP A 354 -20.52 -11.37 -5.28
C TRP A 354 -20.71 -10.19 -4.37
N THR A 355 -20.44 -10.37 -3.07
CA THR A 355 -20.33 -9.23 -2.19
C THR A 355 -18.92 -9.24 -1.60
N ASN A 356 -18.40 -8.05 -1.33
CA ASN A 356 -17.12 -7.94 -0.70
C ASN A 356 -17.20 -8.52 0.73
N ALA A 357 -16.31 -9.46 1.05
CA ALA A 357 -16.22 -10.04 2.40
C ALA A 357 -14.82 -9.91 3.01
N ASP A 358 -14.14 -8.81 2.69
CA ASP A 358 -12.85 -8.58 3.34
C ASP A 358 -13.08 -8.47 4.85
N PRO A 359 -12.05 -8.81 5.64
CA PRO A 359 -12.18 -8.81 7.12
C PRO A 359 -11.97 -7.42 7.80
N ALA A 360 -12.35 -6.36 7.11
CA ALA A 360 -12.12 -4.98 7.54
C ALA A 360 -13.31 -4.33 8.29
N THR A 361 -13.06 -3.16 8.85
CA THR A 361 -14.05 -2.44 9.63
C THR A 361 -14.40 -1.08 9.07
N ASN A 362 -13.55 -0.54 8.20
CA ASN A 362 -13.92 0.68 7.50
C ASN A 362 -15.05 0.35 6.56
N TRP A 363 -16.02 1.26 6.48
CA TRP A 363 -17.13 1.12 5.56
C TRP A 363 -16.59 0.93 4.15
N THR A 364 -17.17 -0.02 3.45
CA THR A 364 -16.68 -0.48 2.15
C THR A 364 -17.89 -0.82 1.27
N LEU A 365 -17.74 -0.62 -0.04
CA LEU A 365 -18.80 -0.91 -1.00
C LEU A 365 -19.10 -2.40 -1.24
N ASN A 366 -20.35 -2.64 -1.58
CA ASN A 366 -20.82 -3.96 -1.90
C ASN A 366 -20.60 -5.01 -0.82
N VAL A 367 -20.67 -4.58 0.43
CA VAL A 367 -20.59 -5.48 1.58
C VAL A 367 -21.99 -5.80 2.11
N SER A 368 -22.27 -7.07 2.36
CA SER A 368 -23.50 -7.47 3.03
C SER A 368 -23.38 -7.24 4.54
N TYR A 369 -23.90 -6.12 5.01
CA TYR A 369 -23.78 -5.77 6.43
C TYR A 369 -24.92 -6.38 7.22
N GLU A 370 -24.64 -6.74 8.48
CA GLU A 370 -25.66 -7.29 9.34
C GLU A 370 -25.88 -6.34 10.49
N GLN A 371 -27.11 -6.36 11.02
N GLN A 371 -27.11 -6.33 11.02
CA GLN A 371 -27.48 -5.55 12.18
CA GLN A 371 -27.44 -5.45 12.13
C GLN A 371 -26.48 -5.78 13.32
C GLN A 371 -26.49 -5.76 13.30
N GLY A 372 -26.00 -4.70 13.94
CA GLY A 372 -25.02 -4.84 15.00
C GLY A 372 -23.59 -4.64 14.51
N ASP A 373 -23.37 -4.76 13.20
CA ASP A 373 -22.05 -4.48 12.62
C ASP A 373 -21.75 -3.03 12.89
N ILE A 374 -20.50 -2.77 13.22
CA ILE A 374 -20.00 -1.41 13.41
C ILE A 374 -18.96 -1.10 12.35
N VAL A 375 -19.11 0.06 11.71
CA VAL A 375 -18.22 0.48 10.65
C VAL A 375 -17.62 1.86 10.93
N ASN A 376 -16.42 2.09 10.39
CA ASN A 376 -15.78 3.41 10.43
C ASN A 376 -15.98 4.12 9.12
N TYR A 377 -16.40 5.37 9.20
CA TYR A 377 -16.57 6.20 8.02
C TYR A 377 -16.24 7.66 8.39
N LYS A 378 -15.35 8.26 7.60
CA LYS A 378 -14.83 9.60 7.83
C LYS A 378 -14.60 9.86 9.31
N GLY A 379 -13.96 8.90 9.96
CA GLY A 379 -13.45 9.11 11.30
C GLY A 379 -14.47 9.01 12.39
N LYS A 380 -15.68 8.57 12.05
CA LYS A 380 -16.70 8.24 13.03
C LYS A 380 -17.14 6.77 12.96
N ARG A 381 -17.65 6.26 14.07
CA ARG A 381 -18.18 4.90 14.14
C ARG A 381 -19.72 4.91 14.01
N TYR A 382 -20.23 3.95 13.24
CA TYR A 382 -21.65 3.83 12.95
C TYR A 382 -22.09 2.40 13.17
N LEU A 383 -23.21 2.24 13.86
CA LEU A 383 -23.87 0.97 13.99
C LEU A 383 -24.71 0.71 12.73
N VAL A 384 -24.61 -0.51 12.18
CA VAL A 384 -25.56 -0.90 11.13
C VAL A 384 -26.90 -1.20 11.82
N SER A 385 -27.89 -0.36 11.54
N SER A 385 -27.89 -0.37 11.53
CA SER A 385 -29.20 -0.50 12.17
CA SER A 385 -29.18 -0.52 12.18
C SER A 385 -30.09 -1.41 11.35
C SER A 385 -30.05 -1.45 11.35
N VAL A 386 -29.92 -1.40 10.03
CA VAL A 386 -30.62 -2.35 9.17
C VAL A 386 -29.71 -3.04 8.19
N PRO A 387 -29.81 -4.37 8.13
CA PRO A 387 -28.95 -5.16 7.24
C PRO A 387 -29.16 -4.75 5.81
N HIS A 388 -28.09 -4.67 5.03
CA HIS A 388 -28.21 -4.28 3.64
C HIS A 388 -26.89 -4.56 2.92
N VAL A 389 -26.90 -4.51 1.60
CA VAL A 389 -25.67 -4.52 0.83
C VAL A 389 -25.29 -3.06 0.51
N SER A 390 -24.11 -2.64 0.97
CA SER A 390 -23.68 -1.25 0.80
C SER A 390 -23.44 -0.89 -0.65
N GLN A 391 -23.59 0.38 -0.92
CA GLN A 391 -23.34 0.94 -2.24
C GLN A 391 -23.03 2.43 -2.09
N GLN A 392 -22.60 3.05 -3.19
CA GLN A 392 -21.89 4.32 -3.12
C GLN A 392 -22.73 5.45 -2.52
N ASP A 393 -24.02 5.46 -2.85
CA ASP A 393 -24.85 6.53 -2.38
C ASP A 393 -25.44 6.24 -0.98
N TRP A 394 -25.13 5.09 -0.39
CA TRP A 394 -25.61 4.80 0.97
C TRP A 394 -24.52 4.95 2.03
N THR A 395 -23.84 6.07 1.99
CA THR A 395 -22.80 6.35 2.95
C THR A 395 -23.35 6.51 4.37
N PRO A 396 -22.64 5.99 5.37
CA PRO A 396 -23.17 6.05 6.73
C PRO A 396 -23.52 7.45 7.25
N ASP A 397 -22.92 8.50 6.71
CA ASP A 397 -23.17 9.84 7.26
C ASP A 397 -24.54 10.38 6.81
N THR A 398 -25.02 9.92 5.66
CA THR A 398 -26.26 10.42 5.07
C THR A 398 -27.42 9.40 5.00
N GLN A 399 -27.23 8.19 5.49
CA GLN A 399 -28.30 7.18 5.41
C GLN A 399 -28.71 6.72 6.80
N ASN A 400 -29.58 7.50 7.44
CA ASN A 400 -29.93 7.28 8.84
C ASN A 400 -30.91 6.13 9.05
N THR A 401 -31.57 5.69 7.98
CA THR A 401 -32.29 4.42 8.03
C THR A 401 -31.29 3.29 8.20
N LEU A 402 -30.20 3.30 7.42
CA LEU A 402 -29.26 2.17 7.44
C LEU A 402 -28.26 2.20 8.59
N PHE A 403 -27.84 3.40 8.97
CA PHE A 403 -26.77 3.58 9.93
C PHE A 403 -27.18 4.48 11.04
N THR A 404 -26.69 4.16 12.23
CA THR A 404 -26.77 5.09 13.37
C THR A 404 -25.40 5.39 13.97
N ALA A 405 -25.04 6.67 14.04
CA ALA A 405 -23.75 7.08 14.56
C ALA A 405 -23.68 6.68 16.01
N LEU A 406 -22.53 6.18 16.46
CA LEU A 406 -22.37 5.80 17.85
C LEU A 406 -22.02 7.01 18.71
N GLU A 407 -22.38 6.95 20.00
CA GLU A 407 -22.26 8.10 20.92
C GLU A 407 -20.82 8.57 21.10
C THR B 4 -20.90 22.58 -21.04
N PRO B 5 -20.10 22.31 -20.00
CA PRO B 5 -19.20 23.28 -19.36
C PRO B 5 -18.04 23.63 -20.26
N LYS B 6 -17.58 24.88 -20.19
CA LYS B 6 -16.42 25.32 -20.93
C LYS B 6 -15.22 24.38 -20.66
N GLY B 7 -15.09 23.94 -19.42
CA GLY B 7 -13.93 23.16 -19.03
C GLY B 7 -13.92 22.83 -17.56
N THR B 8 -12.92 22.04 -17.16
CA THR B 8 -12.83 21.62 -15.78
C THR B 8 -11.52 22.12 -15.19
N ILE B 9 -11.61 22.79 -14.06
CA ILE B 9 -10.44 23.25 -13.34
C ILE B 9 -10.19 22.35 -12.15
N TYR B 10 -8.94 21.97 -11.96
CA TYR B 10 -8.54 21.18 -10.82
C TYR B 10 -7.62 22.05 -9.97
N LEU B 11 -8.18 22.60 -8.89
CA LEU B 11 -7.40 23.38 -7.96
C LEU B 11 -6.61 22.40 -7.10
N THR B 12 -5.29 22.56 -7.10
CA THR B 12 -4.44 21.67 -6.36
C THR B 12 -3.46 22.50 -5.55
N PHE B 13 -3.46 22.21 -4.25
CA PHE B 13 -2.70 22.92 -3.24
C PHE B 13 -1.56 22.07 -2.66
N SER B 14 -0.34 22.54 -2.81
CA SER B 14 0.84 21.80 -2.36
C SER B 14 1.45 22.33 -1.08
N ASP B 15 2.09 21.42 -0.36
CA ASP B 15 3.01 21.69 0.74
C ASP B 15 2.39 21.78 2.10
N GLY B 16 1.07 21.65 2.17
CA GLY B 16 0.40 21.51 3.46
C GLY B 16 0.66 20.16 4.12
N PRO B 17 0.02 19.91 5.26
CA PRO B 17 -0.94 20.83 5.88
C PRO B 17 -0.25 21.81 6.83
N VAL B 18 -0.60 23.09 6.76
CA VAL B 18 -0.06 24.08 7.69
C VAL B 18 -1.19 24.95 8.23
N ASN B 19 -0.85 25.92 9.08
CA ASN B 19 -1.86 26.81 9.66
C ASN B 19 -2.66 27.51 8.57
N ALA B 20 -1.98 27.90 7.50
CA ALA B 20 -2.58 28.64 6.40
C ALA B 20 -3.62 27.84 5.67
N SER B 21 -3.48 26.52 5.73
CA SER B 21 -4.44 25.58 5.10
C SER B 21 -5.88 25.79 5.60
N VAL B 22 -6.03 26.10 6.89
CA VAL B 22 -7.34 26.19 7.49
C VAL B 22 -8.22 27.18 6.74
N GLU B 23 -7.74 28.41 6.55
CA GLU B 23 -8.57 29.46 5.92
C GLU B 23 -8.66 29.23 4.42
N VAL B 24 -7.67 28.56 3.85
CA VAL B 24 -7.79 28.16 2.45
C VAL B 24 -9.01 27.24 2.30
N ILE B 25 -9.04 26.20 3.11
CA ILE B 25 -10.12 25.25 3.06
C ILE B 25 -11.45 25.97 3.20
N LYS B 26 -11.57 26.86 4.19
CA LYS B 26 -12.82 27.56 4.44
C LYS B 26 -13.30 28.35 3.23
N VAL B 27 -12.37 29.03 2.55
CA VAL B 27 -12.72 29.77 1.35
C VAL B 27 -13.22 28.84 0.23
N LEU B 28 -12.61 27.65 0.14
CA LEU B 28 -13.05 26.63 -0.84
C LEU B 28 -14.45 26.15 -0.50
N ASN B 29 -14.66 25.91 0.78
CA ASN B 29 -15.99 25.50 1.26
C ASN B 29 -17.01 26.61 0.99
N GLN B 30 -16.66 27.85 1.28
CA GLN B 30 -17.59 28.97 1.07
C GLN B 30 -17.91 29.10 -0.42
N GLY B 31 -16.93 28.79 -1.24
CA GLY B 31 -17.09 28.89 -2.68
C GLY B 31 -17.75 27.69 -3.33
N GLY B 32 -18.06 26.68 -2.52
CA GLY B 32 -18.75 25.49 -3.01
C GLY B 32 -17.95 24.69 -4.03
N VAL B 33 -16.66 24.51 -3.74
CA VAL B 33 -15.81 23.61 -4.54
C VAL B 33 -14.99 22.67 -3.66
N LYS B 34 -14.56 21.57 -4.28
CA LYS B 34 -13.60 20.63 -3.68
C LYS B 34 -12.27 20.81 -4.41
N ALA B 35 -11.18 20.54 -3.71
CA ALA B 35 -9.85 20.71 -4.26
C ALA B 35 -9.02 19.51 -3.79
N THR B 36 -7.79 19.44 -4.31
CA THR B 36 -6.88 18.37 -4.01
C THR B 36 -5.65 18.98 -3.28
N PHE B 37 -5.28 18.36 -2.16
CA PHE B 37 -4.19 18.76 -1.31
C PHE B 37 -3.09 17.71 -1.34
N TYR B 38 -1.94 18.12 -1.85
CA TYR B 38 -0.75 17.28 -1.93
C TYR B 38 0.09 17.63 -0.72
N PHE B 39 -0.04 16.78 0.30
CA PHE B 39 0.50 17.06 1.64
C PHE B 39 1.85 16.42 1.91
N ASN B 40 2.64 17.10 2.76
CA ASN B 40 3.86 16.57 3.34
C ASN B 40 3.70 16.46 4.85
N ALA B 41 3.68 15.24 5.36
CA ALA B 41 3.40 15.02 6.78
C ALA B 41 4.43 15.56 7.76
N TRP B 42 5.63 15.92 7.31
CA TRP B 42 6.61 16.47 8.26
C TRP B 42 6.08 17.70 9.03
N HIS B 43 5.08 18.39 8.48
CA HIS B 43 4.43 19.48 9.21
C HIS B 43 3.70 18.99 10.47
N LEU B 44 3.19 17.77 10.41
CA LEU B 44 2.54 17.19 11.58
C LEU B 44 3.55 16.95 12.70
N ASP B 45 4.81 16.68 12.34
CA ASP B 45 5.86 16.49 13.36
C ASP B 45 6.39 17.83 13.86
N GLY B 46 5.96 18.91 13.21
CA GLY B 46 6.36 20.23 13.61
C GLY B 46 7.79 20.58 13.23
N ILE B 47 8.29 20.06 12.12
CA ILE B 47 9.69 20.28 11.76
C ILE B 47 9.82 20.83 10.35
N GLY B 48 8.70 21.19 9.74
CA GLY B 48 8.69 21.73 8.39
C GLY B 48 8.94 23.23 8.31
N ASP B 49 9.24 23.86 9.44
CA ASP B 49 9.60 25.29 9.49
C ASP B 49 8.51 26.21 8.91
N GLU B 50 7.24 25.92 9.18
CA GLU B 50 6.14 26.84 8.88
C GLU B 50 5.33 26.99 10.15
N ASN B 51 4.37 27.92 10.15
CA ASN B 51 3.38 27.93 11.21
C ASN B 51 2.51 26.71 10.98
N GLU B 52 2.64 25.73 11.89
CA GLU B 52 2.09 24.41 11.64
C GLU B 52 1.66 23.72 12.94
N ASP B 53 1.45 24.51 14.00
CA ASP B 53 0.87 23.94 15.22
C ASP B 53 -0.56 23.46 14.99
N ARG B 54 -1.21 23.98 13.94
CA ARG B 54 -2.58 23.58 13.60
C ARG B 54 -2.59 22.62 12.41
N ALA B 55 -1.47 21.97 12.13
CA ALA B 55 -1.37 21.05 11.00
C ALA B 55 -2.39 19.90 11.02
N LEU B 56 -2.59 19.28 12.18
CA LEU B 56 -3.55 18.19 12.33
C LEU B 56 -4.99 18.67 12.15
N GLU B 57 -5.32 19.79 12.79
CA GLU B 57 -6.60 20.45 12.58
C GLU B 57 -6.84 20.72 11.07
N ALA B 58 -5.82 21.16 10.36
CA ALA B 58 -5.98 21.41 8.95
C ALA B 58 -6.22 20.12 8.16
N LEU B 59 -5.48 19.07 8.49
CA LEU B 59 -5.62 17.78 7.82
C LEU B 59 -7.04 17.29 8.01
N LYS B 60 -7.50 17.35 9.25
CA LYS B 60 -8.85 16.90 9.56
C LYS B 60 -9.88 17.74 8.80
N LEU B 61 -9.63 19.04 8.70
CA LEU B 61 -10.61 19.94 8.10
C LEU B 61 -10.71 19.72 6.59
N ALA B 62 -9.57 19.47 5.96
CA ALA B 62 -9.57 19.16 4.53
C ALA B 62 -10.40 17.89 4.27
N LEU B 63 -10.21 16.89 5.13
CA LEU B 63 -10.83 15.57 4.94
C LEU B 63 -12.35 15.65 5.24
N ASP B 64 -12.69 16.23 6.38
CA ASP B 64 -14.07 16.42 6.78
C ASP B 64 -14.89 17.23 5.75
N SER B 65 -14.24 18.19 5.10
CA SER B 65 -14.91 19.05 4.11
C SER B 65 -15.00 18.38 2.72
N GLY B 66 -14.46 17.18 2.61
CA GLY B 66 -14.54 16.42 1.37
C GLY B 66 -13.44 16.68 0.37
N HIS B 67 -12.36 17.36 0.76
CA HIS B 67 -11.27 17.56 -0.19
C HIS B 67 -10.42 16.29 -0.30
N ILE B 68 -9.80 16.11 -1.46
CA ILE B 68 -8.90 15.00 -1.69
C ILE B 68 -7.51 15.30 -1.18
N VAL B 69 -6.97 14.33 -0.44
CA VAL B 69 -5.61 14.37 0.07
C VAL B 69 -4.75 13.39 -0.74
N GLY B 70 -3.66 13.91 -1.26
CA GLY B 70 -2.75 13.16 -2.11
C GLY B 70 -1.37 13.22 -1.48
N ASN B 71 -0.47 12.37 -1.98
CA ASN B 71 0.85 12.19 -1.41
C ASN B 71 1.87 13.14 -2.05
N HIS B 72 2.54 13.97 -1.26
CA HIS B 72 3.59 14.85 -1.80
C HIS B 72 4.99 14.51 -1.26
N SER B 73 5.09 13.37 -0.58
CA SER B 73 6.28 12.89 0.15
C SER B 73 6.29 13.45 1.58
N TYR B 74 6.97 12.73 2.46
CA TYR B 74 6.99 13.07 3.86
C TYR B 74 7.59 14.44 4.12
N ASP B 75 8.75 14.74 3.51
CA ASP B 75 9.54 15.91 3.86
C ASP B 75 9.87 16.80 2.68
N HIS B 76 9.11 16.66 1.60
CA HIS B 76 9.33 17.46 0.39
C HIS B 76 10.79 17.34 -0.11
N MET B 77 11.42 16.21 0.16
CA MET B 77 12.83 15.96 -0.22
C MET B 77 13.87 16.87 0.46
N ILE B 78 13.58 17.38 1.64
CA ILE B 78 14.55 18.28 2.29
C ILE B 78 15.77 17.48 2.76
N HIS B 79 15.62 16.18 2.97
CA HIS B 79 16.78 15.34 3.29
C HIS B 79 17.87 15.41 2.22
N ASN B 80 17.51 15.73 0.98
CA ASN B 80 18.49 15.90 -0.07
C ASN B 80 19.05 17.33 -0.15
N CYS B 81 18.57 18.22 0.70
CA CYS B 81 19.03 19.62 0.70
C CYS B 81 20.07 19.83 1.80
N VAL B 82 20.12 18.87 2.72
CA VAL B 82 20.99 18.92 3.90
C VAL B 82 21.87 17.65 3.98
N GLU B 83 22.95 17.71 4.75
CA GLU B 83 23.86 16.57 4.92
C GLU B 83 23.28 15.52 5.90
N GLU B 84 22.63 15.96 6.98
CA GLU B 84 21.99 15.05 7.93
C GLU B 84 20.57 15.54 8.25
N PHE B 85 19.56 14.82 7.78
CA PHE B 85 18.18 15.21 8.06
C PHE B 85 17.81 15.20 9.54
N GLY B 86 17.16 16.26 9.99
CA GLY B 86 16.71 16.37 11.36
C GLY B 86 15.68 17.47 11.53
N PRO B 87 15.35 17.78 12.80
CA PRO B 87 14.32 18.79 13.10
C PRO B 87 14.63 20.16 12.51
N THR B 88 15.91 20.47 12.31
CA THR B 88 16.27 21.82 11.87
C THR B 88 16.40 21.87 10.35
N SER B 89 16.26 20.73 9.69
CA SER B 89 16.56 20.66 8.27
C SER B 89 15.72 21.62 7.42
N GLY B 90 14.43 21.72 7.72
CA GLY B 90 13.54 22.62 6.99
C GLY B 90 14.07 24.04 7.11
N ALA B 91 14.32 24.44 8.34
CA ALA B 91 14.92 25.73 8.62
C ALA B 91 16.24 25.90 7.85
N ASP B 92 17.11 24.88 7.90
CA ASP B 92 18.43 24.97 7.29
C ASP B 92 18.32 25.19 5.79
N CYS B 93 17.44 24.40 5.15
CA CYS B 93 17.20 24.55 3.72
C CYS B 93 16.51 25.86 3.40
N ASN B 94 15.63 26.32 4.27
CA ASN B 94 15.00 27.62 4.09
C ASN B 94 16.04 28.76 4.21
N ALA B 95 17.07 28.59 5.04
CA ALA B 95 18.14 29.60 5.12
C ALA B 95 18.95 29.71 3.81
N THR B 96 19.25 28.60 3.17
CA THR B 96 20.04 28.63 1.94
C THR B 96 19.19 28.81 0.67
N GLY B 97 17.95 28.32 0.71
CA GLY B 97 17.07 28.38 -0.45
C GLY B 97 17.42 27.36 -1.53
N ASN B 98 18.08 26.27 -1.15
CA ASN B 98 18.61 25.30 -2.10
C ASN B 98 17.68 24.13 -2.45
N HIS B 99 16.38 24.36 -2.38
CA HIS B 99 15.39 23.27 -2.51
C HIS B 99 15.44 22.57 -3.87
N GLN B 100 15.70 23.33 -4.96
CA GLN B 100 15.76 22.74 -6.30
C GLN B 100 17.13 22.18 -6.67
N ILE B 101 18.05 22.06 -5.71
CA ILE B 101 19.42 21.62 -6.02
C ILE B 101 19.66 20.25 -5.44
N HIS B 102 20.02 19.27 -6.28
CA HIS B 102 20.24 17.91 -5.81
C HIS B 102 18.99 17.37 -5.08
N SER B 103 17.81 17.83 -5.49
CA SER B 103 16.58 17.49 -4.80
C SER B 103 16.30 15.99 -4.80
N TYR B 104 16.74 15.28 -5.83
CA TYR B 104 16.59 13.84 -5.90
C TYR B 104 17.98 13.25 -6.11
N GLN B 105 18.33 12.31 -5.25
CA GLN B 105 19.60 11.61 -5.32
C GLN B 105 19.37 10.10 -5.41
N ASP B 106 19.09 9.47 -4.30
CA ASP B 106 18.89 8.04 -4.32
C ASP B 106 17.38 7.84 -4.56
N PRO B 107 16.99 7.37 -5.77
CA PRO B 107 15.56 7.25 -6.14
C PRO B 107 14.77 6.29 -5.25
N VAL B 108 15.43 5.26 -4.74
CA VAL B 108 14.77 4.29 -3.89
C VAL B 108 14.41 4.93 -2.54
N ARG B 109 15.34 5.72 -1.98
CA ARG B 109 15.12 6.40 -0.69
C ARG B 109 14.08 7.48 -0.85
N ASP B 110 14.15 8.15 -2.00
CA ASP B 110 13.26 9.26 -2.29
C ASP B 110 11.82 8.78 -2.49
N ALA B 111 11.65 7.66 -3.19
CA ALA B 111 10.31 7.05 -3.32
C ALA B 111 9.80 6.60 -1.98
N ALA B 112 10.68 6.10 -1.13
CA ALA B 112 10.27 5.64 0.20
C ALA B 112 9.74 6.79 1.03
N SER B 113 10.19 8.01 0.75
CA SER B 113 9.64 9.19 1.40
C SER B 113 8.10 9.28 1.24
N PHE B 114 7.60 8.83 0.09
CA PHE B 114 6.15 8.81 -0.14
C PHE B 114 5.44 7.80 0.76
N GLU B 115 6.10 6.70 1.07
CA GLU B 115 5.52 5.70 1.94
C GLU B 115 5.65 6.09 3.43
N GLN B 116 6.76 6.71 3.78
CA GLN B 116 6.88 7.29 5.09
C GLN B 116 5.79 8.37 5.30
N ASN B 117 5.47 9.11 4.24
CA ASN B 117 4.42 10.12 4.35
C ASN B 117 3.10 9.50 4.82
N LEU B 118 2.79 8.31 4.31
CA LEU B 118 1.54 7.69 4.66
C LEU B 118 1.59 7.13 6.07
N ILE B 119 2.74 6.60 6.49
CA ILE B 119 2.88 6.11 7.86
C ILE B 119 2.61 7.26 8.85
N THR B 120 3.22 8.42 8.60
CA THR B 120 3.07 9.59 9.47
C THR B 120 1.61 10.12 9.47
N LEU B 121 0.99 10.23 8.30
CA LEU B 121 -0.42 10.63 8.29
C LEU B 121 -1.27 9.66 9.11
N GLU B 122 -1.00 8.36 8.99
CA GLU B 122 -1.83 7.35 9.65
C GLU B 122 -1.50 7.22 11.10
N LYS B 123 -0.41 7.87 11.51
CA LYS B 123 -0.08 7.95 12.93
C LYS B 123 -0.83 9.08 13.62
N TYR B 124 -0.89 10.25 12.99
CA TYR B 124 -1.53 11.41 13.59
C TYR B 124 -3.05 11.38 13.46
N LEU B 125 -3.51 10.67 12.43
CA LEU B 125 -4.93 10.53 12.20
C LEU B 125 -5.18 9.06 11.88
N PRO B 126 -5.29 8.25 12.94
CA PRO B 126 -5.38 6.80 12.71
C PRO B 126 -6.64 6.34 12.00
N THR B 127 -7.68 7.16 11.96
CA THR B 127 -8.90 6.83 11.23
C THR B 127 -8.86 7.31 9.77
N ILE B 128 -7.69 7.75 9.29
CA ILE B 128 -7.66 8.45 8.01
C ILE B 128 -8.12 7.55 6.86
N ARG B 129 -7.88 6.25 6.95
CA ARG B 129 -8.28 5.34 5.86
C ARG B 129 -9.80 5.19 5.74
N SER B 130 -10.52 5.55 6.80
CA SER B 130 -11.97 5.53 6.77
C SER B 130 -12.55 6.70 5.94
N TYR B 131 -11.70 7.61 5.47
CA TYR B 131 -12.17 8.63 4.52
C TYR B 131 -11.94 8.15 3.08
N PRO B 132 -13.00 8.12 2.25
CA PRO B 132 -12.79 7.78 0.84
C PRO B 132 -11.98 8.85 0.09
N ASN B 133 -12.05 10.09 0.56
CA ASN B 133 -11.32 11.18 -0.09
C ASN B 133 -9.85 11.20 0.34
N TYR B 134 -9.47 10.29 1.23
CA TYR B 134 -8.05 10.05 1.45
C TYR B 134 -7.46 9.23 0.29
N LYS B 135 -6.72 9.91 -0.60
CA LYS B 135 -6.06 9.24 -1.72
C LYS B 135 -4.51 9.24 -1.64
N GLY B 136 -3.96 9.35 -0.45
CA GLY B 136 -2.51 9.31 -0.26
C GLY B 136 -1.81 8.12 -0.92
N TYR B 137 -2.48 6.97 -0.96
CA TYR B 137 -1.85 5.73 -1.46
C TYR B 137 -2.11 5.53 -2.94
N GLU B 138 -2.80 6.50 -3.57
CA GLU B 138 -3.16 6.41 -4.99
C GLU B 138 -2.68 7.56 -5.89
N LEU B 139 -2.67 8.77 -5.34
CA LEU B 139 -2.36 9.96 -6.12
C LEU B 139 -1.16 10.67 -5.51
N ALA B 140 -0.20 11.05 -6.33
CA ALA B 140 0.98 11.74 -5.82
C ALA B 140 1.44 12.83 -6.78
N ARG B 141 2.29 13.69 -6.29
CA ARG B 141 2.96 14.69 -7.09
C ARG B 141 4.36 14.83 -6.51
N LEU B 142 5.37 14.83 -7.39
CA LEU B 142 6.75 14.95 -6.93
C LEU B 142 7.10 16.41 -6.63
N PRO B 143 7.68 16.68 -5.46
CA PRO B 143 8.27 18.00 -5.16
C PRO B 143 9.05 18.58 -6.35
N TYR B 144 8.70 19.82 -6.72
CA TYR B 144 9.42 20.67 -7.69
C TYR B 144 9.12 20.38 -9.16
N THR B 145 8.35 19.34 -9.43
CA THR B 145 8.49 18.65 -10.70
C THR B 145 7.19 18.46 -11.42
N ASN B 146 7.14 19.05 -12.61
CA ASN B 146 5.96 18.97 -13.43
C ASN B 146 6.07 17.70 -14.25
N GLY B 147 5.79 16.59 -13.56
CA GLY B 147 5.89 15.27 -14.15
C GLY B 147 4.59 14.50 -13.96
N TRP B 148 4.38 13.55 -14.87
CA TRP B 148 3.11 12.90 -15.06
C TRP B 148 3.29 11.38 -15.26
N ARG B 149 2.53 10.60 -14.51
CA ARG B 149 2.39 9.16 -14.79
C ARG B 149 0.89 8.91 -14.74
N VAL B 150 0.21 9.05 -15.89
CA VAL B 150 -1.24 8.99 -15.89
C VAL B 150 -1.78 7.68 -16.47
N THR B 151 -1.30 7.28 -17.65
CA THR B 151 -1.68 6.02 -18.26
C THR B 151 -0.45 5.46 -18.95
N LYS B 152 -0.55 4.22 -19.40
CA LYS B 152 0.47 3.59 -20.20
C LYS B 152 1.01 4.49 -21.30
N HIS B 153 0.15 5.35 -21.84
CA HIS B 153 0.51 6.25 -22.94
C HIS B 153 0.36 7.74 -22.63
N PHE B 154 0.36 8.08 -21.34
CA PHE B 154 0.28 9.48 -20.91
C PHE B 154 1.28 9.58 -19.78
N GLN B 155 2.53 9.84 -20.13
CA GLN B 155 3.62 10.02 -19.19
C GLN B 155 4.55 11.02 -19.80
N ALA B 156 5.06 11.91 -18.96
CA ALA B 156 6.06 12.88 -19.38
C ALA B 156 6.74 13.42 -18.13
N ASP B 157 8.00 13.83 -18.27
CA ASP B 157 8.78 14.29 -17.13
C ASP B 157 9.20 15.76 -17.18
N GLY B 158 9.46 16.32 -16.01
CA GLY B 158 9.95 17.68 -15.90
C GLY B 158 11.46 17.70 -16.08
N LEU B 159 11.91 17.87 -17.32
CA LEU B 159 13.34 17.66 -17.64
C LEU B 159 14.31 18.74 -17.12
N CYS B 160 13.77 19.83 -16.58
CA CYS B 160 14.61 20.88 -16.00
C CYS B 160 14.17 21.27 -14.60
N ALA B 161 13.41 20.40 -13.95
CA ALA B 161 12.78 20.69 -12.66
C ALA B 161 13.79 20.97 -11.55
N THR B 162 14.80 20.11 -11.44
CA THR B 162 15.79 20.24 -10.37
C THR B 162 17.18 20.19 -10.98
N SER B 163 18.17 20.73 -10.25
CA SER B 163 19.51 20.89 -10.84
C SER B 163 20.64 20.24 -10.04
N ASP B 164 21.81 20.17 -10.67
CA ASP B 164 22.97 19.60 -10.01
C ASP B 164 23.91 20.72 -9.52
N ASN B 165 23.47 21.97 -9.59
CA ASN B 165 24.32 23.07 -9.12
C ASN B 165 23.63 24.38 -8.71
N LEU B 166 23.06 25.09 -9.68
CA LEU B 166 22.49 26.42 -9.44
C LEU B 166 20.98 26.38 -9.31
N LYS B 167 20.42 27.39 -8.65
CA LYS B 167 18.98 27.57 -8.64
C LYS B 167 18.60 27.97 -10.07
N PRO B 168 17.41 27.54 -10.54
CA PRO B 168 17.04 27.80 -11.94
C PRO B 168 17.00 29.28 -12.29
N TRP B 169 16.77 30.14 -11.31
CA TRP B 169 16.64 31.58 -11.53
C TRP B 169 17.94 32.34 -11.30
N GLU B 170 19.05 31.63 -11.15
CA GLU B 170 20.36 32.24 -10.93
C GLU B 170 21.04 32.51 -12.24
N PRO B 171 21.90 33.53 -12.26
CA PRO B 171 22.82 33.71 -13.38
C PRO B 171 23.79 32.54 -13.45
N GLY B 172 23.99 31.99 -14.63
CA GLY B 172 24.90 30.86 -14.82
C GLY B 172 24.15 29.56 -14.97
N TYR B 173 22.87 29.56 -14.60
CA TYR B 173 22.06 28.35 -14.67
C TYR B 173 21.78 27.99 -16.11
N VAL B 174 22.07 26.74 -16.45
CA VAL B 174 21.75 26.21 -17.76
C VAL B 174 21.06 24.87 -17.59
N CYS B 175 20.09 24.63 -18.46
CA CYS B 175 19.40 23.38 -18.51
C CYS B 175 19.34 22.88 -19.95
N ASP B 176 19.55 21.59 -20.13
CA ASP B 176 19.43 20.92 -21.42
C ASP B 176 18.51 19.73 -21.23
N PRO B 177 17.24 19.86 -21.65
CA PRO B 177 16.28 18.75 -21.64
C PRO B 177 16.79 17.47 -22.30
N ALA B 178 17.67 17.61 -23.30
CA ALA B 178 18.18 16.45 -24.03
C ALA B 178 19.19 15.71 -23.18
N ASN B 179 19.84 16.44 -22.26
CA ASN B 179 20.85 15.87 -21.38
C ASN B 179 20.56 16.26 -19.94
N PRO B 180 19.47 15.70 -19.37
CA PRO B 180 18.93 16.18 -18.09
C PRO B 180 19.90 15.99 -16.95
N SER B 181 19.75 16.82 -15.92
CA SER B 181 20.59 16.71 -14.73
C SER B 181 20.40 15.35 -14.02
N ASN B 182 21.36 15.00 -13.17
CA ASN B 182 21.27 13.77 -12.42
C ASN B 182 20.09 13.76 -11.46
N SER B 183 19.74 14.95 -10.98
CA SER B 183 18.62 15.10 -10.07
C SER B 183 17.33 14.84 -10.85
N VAL B 184 17.25 15.36 -12.08
CA VAL B 184 16.13 15.04 -12.93
C VAL B 184 16.06 13.54 -13.21
N LYS B 185 17.19 12.91 -13.50
CA LYS B 185 17.15 11.50 -13.85
C LYS B 185 16.68 10.68 -12.68
N ALA B 186 17.09 11.08 -11.48
CA ALA B 186 16.67 10.38 -10.28
C ALA B 186 15.15 10.54 -10.10
N SER B 187 14.66 11.75 -10.34
CA SER B 187 13.22 12.01 -10.21
C SER B 187 12.44 11.16 -11.22
N ILE B 188 13.00 10.92 -12.39
CA ILE B 188 12.32 10.07 -13.36
C ILE B 188 12.18 8.63 -12.80
N GLN B 189 13.22 8.10 -12.17
CA GLN B 189 13.12 6.79 -11.54
C GLN B 189 12.13 6.80 -10.39
N VAL B 190 12.10 7.88 -9.62
CA VAL B 190 11.11 7.98 -8.56
C VAL B 190 9.71 7.81 -9.15
N GLN B 191 9.42 8.57 -10.21
CA GLN B 191 8.16 8.44 -10.95
C GLN B 191 7.87 6.97 -11.25
N ASN B 192 8.84 6.27 -11.85
CA ASN B 192 8.64 4.90 -12.25
C ASN B 192 8.42 3.97 -11.03
N ILE B 193 9.12 4.25 -9.95
CA ILE B 193 8.96 3.43 -8.75
C ILE B 193 7.55 3.63 -8.21
N LEU B 194 7.10 4.88 -8.16
CA LEU B 194 5.77 5.14 -7.64
C LEU B 194 4.72 4.50 -8.56
N ALA B 195 4.88 4.63 -9.87
CA ALA B 195 3.88 4.05 -10.77
C ALA B 195 3.74 2.54 -10.49
N ASN B 196 4.85 1.84 -10.35
CA ASN B 196 4.82 0.40 -10.08
C ASN B 196 4.20 0.05 -8.71
N GLN B 197 3.99 1.06 -7.87
CA GLN B 197 3.26 0.88 -6.60
C GLN B 197 1.79 1.27 -6.81
N GLY B 198 1.43 1.60 -8.04
CA GLY B 198 0.06 1.91 -8.39
C GLY B 198 -0.30 3.38 -8.26
N TYR B 199 0.68 4.26 -8.08
CA TYR B 199 0.39 5.71 -8.02
C TYR B 199 0.18 6.25 -9.42
N GLN B 200 -0.75 7.21 -9.56
CA GLN B 200 -0.68 8.16 -10.66
C GLN B 200 0.00 9.41 -10.14
N THR B 201 0.74 10.09 -11.00
CA THR B 201 1.22 11.40 -10.61
C THR B 201 0.75 12.36 -11.67
N HIS B 202 0.53 13.60 -11.26
CA HIS B 202 0.11 14.61 -12.21
C HIS B 202 0.90 15.86 -11.95
N GLY B 203 1.16 16.59 -13.02
CA GLY B 203 1.77 17.92 -12.93
C GLY B 203 0.72 19.03 -12.87
N TRP B 204 0.91 20.05 -13.69
CA TRP B 204 0.02 21.21 -13.65
C TRP B 204 0.09 21.97 -14.94
N ASP B 205 -0.94 22.75 -15.22
CA ASP B 205 -1.01 23.58 -16.42
C ASP B 205 -0.58 25.01 -16.08
N VAL B 206 -0.96 25.48 -14.90
CA VAL B 206 -0.70 26.84 -14.50
C VAL B 206 -0.45 26.87 -13.00
N ASP B 207 0.32 27.86 -12.60
CA ASP B 207 0.89 27.91 -11.26
C ASP B 207 0.55 29.29 -10.74
N TRP B 208 -0.23 29.34 -9.65
CA TRP B 208 -0.59 30.61 -9.03
C TRP B 208 0.50 30.96 -8.04
N ALA B 209 1.44 31.79 -8.50
CA ALA B 209 2.76 31.88 -7.89
C ALA B 209 3.47 33.24 -8.17
N PRO B 210 4.67 33.45 -7.57
CA PRO B 210 5.54 34.53 -8.06
C PRO B 210 6.24 34.17 -9.39
N GLU B 211 6.72 35.16 -10.15
CA GLU B 211 7.39 34.90 -11.43
C GLU B 211 8.41 33.74 -11.38
N ASN B 212 9.29 33.78 -10.40
CA ASN B 212 10.14 32.62 -10.06
C ASN B 212 10.38 32.66 -8.55
N TRP B 213 10.89 31.57 -8.01
CA TRP B 213 10.97 31.42 -6.55
C TRP B 213 12.15 32.13 -5.86
N GLY B 214 12.91 32.91 -6.64
CA GLY B 214 13.96 33.76 -6.14
C GLY B 214 13.38 35.11 -5.74
N ILE B 215 12.16 35.35 -6.19
CA ILE B 215 11.43 36.58 -5.89
C ILE B 215 11.20 36.76 -4.39
N PRO B 216 11.80 37.80 -3.79
CA PRO B 216 11.54 38.04 -2.36
C PRO B 216 10.07 38.38 -2.07
N MET B 217 9.61 37.99 -0.88
CA MET B 217 8.19 38.11 -0.48
C MET B 217 7.25 37.62 -1.56
N PRO B 218 7.34 36.31 -1.91
CA PRO B 218 6.62 35.70 -3.03
C PRO B 218 5.09 35.73 -2.90
N ALA B 219 4.56 35.96 -1.69
CA ALA B 219 3.10 36.01 -1.49
C ALA B 219 2.56 37.35 -1.96
N ASN B 220 3.45 38.32 -2.08
CA ASN B 220 3.01 39.68 -2.38
C ASN B 220 2.73 39.88 -3.88
N SER B 221 3.26 39.00 -4.73
CA SER B 221 3.16 39.20 -6.18
C SER B 221 2.27 38.17 -6.90
N LEU B 222 1.15 37.80 -6.29
CA LEU B 222 0.26 36.80 -6.89
C LEU B 222 -0.76 37.46 -7.81
N THR B 223 -0.85 36.94 -9.02
CA THR B 223 -1.80 37.42 -10.02
C THR B 223 -3.18 37.61 -9.41
N GLU B 224 -3.85 38.68 -9.82
CA GLU B 224 -5.23 38.94 -9.40
C GLU B 224 -6.23 37.94 -10.02
N ALA B 225 -7.42 37.83 -9.44
CA ALA B 225 -8.41 36.84 -9.88
C ALA B 225 -8.72 36.92 -11.38
N VAL B 226 -8.94 38.14 -11.88
CA VAL B 226 -9.36 38.29 -13.26
C VAL B 226 -8.24 37.91 -14.20
N PRO B 227 -7.06 38.49 -14.00
CA PRO B 227 -5.94 38.09 -14.87
C PRO B 227 -5.60 36.60 -14.73
N PHE B 228 -5.74 36.02 -13.54
CA PHE B 228 -5.47 34.60 -13.39
C PHE B 228 -6.43 33.76 -14.23
N LEU B 229 -7.72 34.08 -14.19
CA LEU B 229 -8.68 33.43 -15.05
C LEU B 229 -8.29 33.51 -16.54
N ALA B 230 -7.73 34.64 -16.96
CA ALA B 230 -7.20 34.76 -18.30
C ALA B 230 -6.14 33.68 -18.58
N TYR B 231 -5.21 33.49 -17.64
CA TYR B 231 -4.16 32.49 -17.75
C TYR B 231 -4.75 31.09 -17.92
N VAL B 232 -5.80 30.82 -17.15
CA VAL B 232 -6.52 29.55 -17.23
C VAL B 232 -7.20 29.38 -18.60
N ASP B 233 -7.95 30.39 -19.04
CA ASP B 233 -8.53 30.39 -20.38
C ASP B 233 -7.54 30.06 -21.48
N LYS B 234 -6.35 30.65 -21.35
CA LYS B 234 -5.29 30.45 -22.31
C LYS B 234 -4.73 29.03 -22.19
N ALA B 235 -4.77 28.45 -20.99
CA ALA B 235 -4.21 27.11 -20.79
C ALA B 235 -5.11 26.03 -21.39
N LEU B 236 -6.41 26.32 -21.44
CA LEU B 236 -7.39 25.35 -21.93
C LEU B 236 -7.04 24.83 -23.34
N ASN B 237 -6.87 23.52 -23.45
CA ASN B 237 -6.49 22.88 -24.71
C ASN B 237 -5.30 23.51 -25.44
N SER B 238 -4.31 24.02 -24.71
CA SER B 238 -3.13 24.64 -25.36
C SER B 238 -1.78 24.04 -24.95
N CYS B 239 -1.82 22.87 -24.32
CA CYS B 239 -0.59 22.14 -24.00
C CYS B 239 0.34 23.03 -23.18
N SER B 240 -0.27 23.72 -22.23
CA SER B 240 0.39 24.64 -21.32
C SER B 240 1.63 24.04 -20.61
N PRO B 241 1.64 22.72 -20.36
CA PRO B 241 2.87 22.24 -19.75
C PRO B 241 4.12 22.42 -20.61
N THR B 242 3.97 22.61 -21.92
CA THR B 242 5.15 22.79 -22.78
C THR B 242 5.55 24.28 -22.90
N THR B 243 4.58 25.18 -22.73
CA THR B 243 4.80 26.62 -22.93
C THR B 243 4.98 27.37 -21.61
N ILE B 244 4.67 26.71 -20.50
CA ILE B 244 4.79 27.31 -19.18
C ILE B 244 6.22 27.85 -18.88
N GLU B 245 6.26 28.93 -18.11
CA GLU B 245 7.49 29.52 -17.60
C GLU B 245 7.35 29.57 -16.09
N PRO B 246 8.46 29.43 -15.37
CA PRO B 246 9.83 29.28 -15.86
C PRO B 246 10.21 27.89 -16.38
N ILE B 247 11.43 27.81 -16.93
CA ILE B 247 11.98 26.61 -17.57
C ILE B 247 11.83 25.34 -16.73
N ASN B 248 11.98 25.49 -15.42
CA ASN B 248 12.03 24.34 -14.52
C ASN B 248 10.63 23.81 -14.21
N SER B 249 9.61 24.48 -14.75
CA SER B 249 8.22 24.09 -14.52
C SER B 249 7.65 23.42 -15.75
N LYS B 250 8.49 23.24 -16.76
CA LYS B 250 8.05 22.68 -18.03
C LYS B 250 7.94 21.18 -17.95
N THR B 251 7.01 20.65 -18.74
CA THR B 251 6.98 19.25 -19.11
C THR B 251 7.17 19.18 -20.62
N GLN B 252 8.42 19.03 -21.04
CA GLN B 252 8.79 19.28 -22.43
C GLN B 252 8.15 18.32 -23.41
N GLU B 253 7.98 17.07 -22.99
CA GLU B 253 7.39 16.02 -23.83
C GLU B 253 5.96 15.70 -23.43
N PHE B 254 5.24 16.67 -22.89
CA PHE B 254 3.86 16.44 -22.54
C PHE B 254 3.15 16.07 -23.84
N PRO B 255 2.32 15.00 -23.81
CA PRO B 255 1.59 14.57 -25.01
C PRO B 255 0.46 15.54 -25.37
N CYS B 256 0.79 16.57 -26.14
CA CYS B 256 -0.20 17.58 -26.54
C CYS B 256 -1.40 16.89 -27.15
N GLY B 257 -2.60 17.36 -26.80
CA GLY B 257 -3.81 16.84 -27.40
C GLY B 257 -4.30 15.52 -26.82
N THR B 258 -3.51 14.92 -25.94
CA THR B 258 -3.85 13.64 -25.33
C THR B 258 -5.27 13.70 -24.74
N PRO B 259 -6.11 12.70 -25.08
CA PRO B 259 -7.56 12.77 -24.81
C PRO B 259 -7.93 13.04 -23.35
N LEU B 260 -7.21 12.46 -22.40
CA LEU B 260 -7.56 12.67 -21.00
C LEU B 260 -7.44 14.14 -20.54
N HIS B 261 -6.66 14.95 -21.25
CA HIS B 261 -6.36 16.31 -20.79
C HIS B 261 -7.21 17.36 -21.47
N ALA B 262 -8.07 16.92 -22.40
CA ALA B 262 -8.86 17.87 -23.15
C ALA B 262 -9.82 18.58 -22.21
N ASP B 263 -9.92 19.90 -22.37
CA ASP B 263 -10.95 20.69 -21.69
C ASP B 263 -10.69 20.76 -20.19
N LYS B 264 -9.42 20.60 -19.82
CA LYS B 264 -9.05 20.60 -18.42
C LYS B 264 -7.85 21.50 -18.17
N VAL B 265 -7.85 22.14 -17.00
CA VAL B 265 -6.71 22.90 -16.54
C VAL B 265 -6.45 22.52 -15.07
N ILE B 266 -5.21 22.10 -14.81
CA ILE B 266 -4.82 21.83 -13.45
C ILE B 266 -4.06 23.03 -12.95
N VAL B 267 -4.54 23.57 -11.83
CA VAL B 267 -3.91 24.72 -11.21
C VAL B 267 -3.12 24.27 -10.01
N LEU B 268 -1.85 24.68 -9.98
CA LEU B 268 -1.02 24.51 -8.80
C LEU B 268 -0.94 25.81 -7.98
N THR B 269 -1.05 25.68 -6.67
CA THR B 269 -0.60 26.75 -5.81
C THR B 269 -0.22 26.17 -4.47
N HIS B 270 0.22 27.02 -3.56
CA HIS B 270 0.71 26.57 -2.25
C HIS B 270 -0.03 27.22 -1.11
N ASP B 271 -0.43 26.39 -0.13
CA ASP B 271 -1.18 26.88 1.01
C ASP B 271 -0.42 28.07 1.65
N PHE B 272 0.91 27.92 1.77
CA PHE B 272 1.74 28.94 2.44
C PHE B 272 1.63 30.35 1.79
N LEU B 273 1.09 30.43 0.58
CA LEU B 273 0.99 31.74 -0.09
C LEU B 273 -0.25 32.51 0.38
N PHE B 274 -1.03 31.88 1.24
CA PHE B 274 -2.30 32.45 1.70
C PHE B 274 -2.25 32.76 3.17
N GLU B 275 -1.04 33.03 3.62
CA GLU B 275 -0.78 33.34 5.00
C GLU B 275 -0.18 34.75 5.09
N ASP B 276 -0.59 35.52 6.10
CA ASP B 276 0.07 36.76 6.44
C ASP B 276 1.26 36.38 7.29
N GLY B 277 2.47 36.58 6.78
CA GLY B 277 3.68 36.27 7.53
C GLY B 277 4.94 36.45 6.71
N LYS B 278 5.87 35.53 6.85
CA LYS B 278 7.22 35.70 6.33
C LYS B 278 7.36 35.78 4.81
N ARG B 279 6.31 35.49 4.05
CA ARG B 279 6.38 35.60 2.60
C ARG B 279 5.59 36.78 2.06
N GLY B 280 5.00 37.57 2.96
CA GLY B 280 4.13 38.65 2.56
C GLY B 280 2.78 38.53 3.25
N MET B 281 1.85 39.40 2.87
CA MET B 281 0.52 39.43 3.47
C MET B 281 -0.48 38.52 2.71
N GLY B 282 -0.24 37.21 2.75
CA GLY B 282 -0.98 36.25 1.93
C GLY B 282 -2.43 36.09 2.26
N ALA B 283 -2.80 36.07 3.53
CA ALA B 283 -4.21 35.94 3.92
C ALA B 283 -4.98 37.18 3.47
N THR B 284 -4.48 38.34 3.89
CA THR B 284 -5.07 39.63 3.52
C THR B 284 -5.17 39.80 2.00
N GLN B 285 -4.07 39.55 1.30
CA GLN B 285 -4.05 39.77 -0.15
C GLN B 285 -4.64 38.61 -0.96
N ASN B 286 -4.34 37.37 -0.59
CA ASN B 286 -4.60 36.26 -1.50
C ASN B 286 -5.86 35.42 -1.27
N LEU B 287 -6.35 35.31 -0.05
CA LEU B 287 -7.61 34.60 0.14
C LEU B 287 -8.75 35.23 -0.66
N PRO B 288 -8.85 36.57 -0.64
CA PRO B 288 -9.93 37.15 -1.44
C PRO B 288 -9.74 36.87 -2.93
N LYS B 289 -8.51 36.79 -3.39
CA LYS B 289 -8.25 36.44 -4.79
C LYS B 289 -8.74 35.03 -5.12
N LEU B 290 -8.50 34.10 -4.21
CA LEU B 290 -8.98 32.75 -4.37
C LEU B 290 -10.52 32.76 -4.46
N ALA B 291 -11.15 33.44 -3.49
CA ALA B 291 -12.61 33.47 -3.39
C ALA B 291 -13.25 34.02 -4.67
N GLU B 292 -12.66 35.08 -5.18
CA GLU B 292 -13.18 35.73 -6.35
C GLU B 292 -12.92 34.91 -7.58
N PHE B 293 -11.74 34.27 -7.64
CA PHE B 293 -11.38 33.45 -8.77
C PHE B 293 -12.39 32.34 -8.96
N ILE B 294 -12.70 31.68 -7.84
CA ILE B 294 -13.68 30.59 -7.84
C ILE B 294 -15.02 31.11 -8.39
N ARG B 295 -15.42 32.31 -7.95
CA ARG B 295 -16.70 32.87 -8.35
C ARG B 295 -16.75 33.20 -9.85
N ILE B 296 -15.73 33.86 -10.35
CA ILE B 296 -15.73 34.26 -11.74
C ILE B 296 -15.50 33.08 -12.68
N ALA B 297 -14.78 32.06 -12.23
CA ALA B 297 -14.57 30.89 -13.09
C ALA B 297 -15.88 30.15 -13.30
N LYS B 298 -16.67 30.00 -12.24
CA LYS B 298 -17.98 29.39 -12.35
C LYS B 298 -18.84 30.19 -13.33
N GLU B 299 -18.80 31.52 -13.23
CA GLU B 299 -19.59 32.37 -14.11
C GLU B 299 -19.17 32.23 -15.57
N ALA B 300 -17.89 32.00 -15.79
CA ALA B 300 -17.35 31.85 -17.13
C ALA B 300 -17.70 30.49 -17.73
N GLY B 301 -18.37 29.65 -16.96
CA GLY B 301 -18.75 28.30 -17.42
C GLY B 301 -17.81 27.14 -17.06
N TYR B 302 -16.84 27.36 -16.18
CA TYR B 302 -15.99 26.28 -15.71
C TYR B 302 -16.65 25.58 -14.54
N VAL B 303 -16.32 24.31 -14.35
CA VAL B 303 -16.61 23.62 -13.12
C VAL B 303 -15.30 23.16 -12.47
N PHE B 304 -15.37 22.90 -11.17
CA PHE B 304 -14.23 22.46 -10.38
C PHE B 304 -14.33 21.00 -10.02
N ASP B 305 -13.25 20.26 -10.24
CA ASP B 305 -13.24 18.85 -9.88
C ASP B 305 -11.91 18.53 -9.17
N THR B 306 -11.82 17.30 -8.68
CA THR B 306 -10.68 16.85 -7.91
C THR B 306 -9.92 15.76 -8.69
N MET B 307 -8.70 15.48 -8.25
CA MET B 307 -7.76 14.69 -9.02
C MET B 307 -8.09 13.20 -9.03
N ASP B 308 -8.92 12.77 -8.09
CA ASP B 308 -9.42 11.40 -8.09
C ASP B 308 -10.41 11.17 -9.22
N ASN B 309 -10.84 12.25 -9.86
CA ASN B 309 -11.77 12.17 -11.00
C ASN B 309 -11.11 12.61 -12.29
N TYR B 310 -9.86 13.05 -12.22
CA TYR B 310 -9.14 13.53 -13.39
C TYR B 310 -9.20 12.50 -14.51
N THR B 311 -8.94 11.25 -14.16
CA THR B 311 -9.28 10.12 -15.02
C THR B 311 -10.69 9.74 -14.61
N PRO B 312 -11.68 9.94 -15.49
CA PRO B 312 -13.06 9.77 -15.03
C PRO B 312 -13.35 8.36 -14.51
N ARG B 313 -14.08 8.28 -13.40
CA ARG B 313 -14.40 7.01 -12.78
C ARG B 313 -15.40 6.21 -13.62
N TRP B 314 -15.14 4.93 -13.75
CA TRP B 314 -16.06 4.03 -14.39
C TRP B 314 -17.38 4.10 -13.67
N SER B 315 -18.44 4.23 -14.45
CA SER B 315 -19.79 4.34 -13.92
C SER B 315 -20.77 3.50 -14.72
N VAL B 316 -21.50 2.64 -14.02
CA VAL B 316 -22.58 1.86 -14.60
C VAL B 316 -23.59 2.78 -15.29
N GLY B 317 -24.02 2.38 -16.48
CA GLY B 317 -24.96 3.16 -17.28
C GLY B 317 -24.27 4.06 -18.31
N LYS B 318 -22.99 4.38 -18.12
CA LYS B 318 -22.31 5.30 -19.03
C LYS B 318 -21.88 4.54 -20.28
N THR B 319 -22.01 5.18 -21.42
CA THR B 319 -21.54 4.61 -22.67
C THR B 319 -20.09 5.04 -22.92
N TYR B 320 -19.25 4.09 -23.28
CA TYR B 320 -17.85 4.34 -23.60
C TYR B 320 -17.55 3.94 -25.05
N GLN B 321 -16.61 4.67 -25.64
CA GLN B 321 -16.08 4.30 -26.94
C GLN B 321 -14.80 3.52 -26.73
N ALA B 322 -14.55 2.61 -27.66
CA ALA B 322 -13.31 1.88 -27.66
C ALA B 322 -12.16 2.88 -27.64
N GLY B 323 -11.20 2.69 -26.75
CA GLY B 323 -10.07 3.60 -26.62
C GLY B 323 -10.16 4.62 -25.48
N GLU B 324 -11.35 4.83 -24.92
CA GLU B 324 -11.52 5.73 -23.79
C GLU B 324 -10.94 5.15 -22.53
N TYR B 325 -10.43 6.02 -21.67
CA TYR B 325 -9.88 5.62 -20.38
C TYR B 325 -10.81 5.91 -19.21
N VAL B 326 -10.81 5.05 -18.20
CA VAL B 326 -11.54 5.29 -16.97
C VAL B 326 -10.63 4.89 -15.83
N LEU B 327 -10.99 5.31 -14.62
CA LEU B 327 -10.32 4.84 -13.43
C LEU B 327 -11.29 3.95 -12.66
N TYR B 328 -10.77 2.86 -12.11
CA TYR B 328 -11.58 2.00 -11.31
C TYR B 328 -10.76 1.44 -10.17
N GLN B 329 -11.13 1.80 -8.95
CA GLN B 329 -10.43 1.40 -7.75
C GLN B 329 -8.95 1.67 -7.90
N GLY B 330 -8.63 2.84 -8.43
CA GLY B 330 -7.26 3.32 -8.49
C GLY B 330 -6.47 2.81 -9.67
N VAL B 331 -7.13 2.10 -10.59
CA VAL B 331 -6.42 1.48 -11.72
C VAL B 331 -7.00 2.07 -12.98
N VAL B 332 -6.13 2.42 -13.92
CA VAL B 332 -6.56 2.94 -15.19
C VAL B 332 -6.83 1.77 -16.12
N TYR B 333 -7.95 1.86 -16.84
CA TYR B 333 -8.29 0.90 -17.86
C TYR B 333 -8.74 1.62 -19.14
N LYS B 334 -8.48 0.98 -20.27
CA LYS B 334 -8.84 1.45 -21.63
C LYS B 334 -9.92 0.51 -22.19
N ALA B 335 -11.00 1.06 -22.75
CA ALA B 335 -12.08 0.25 -23.29
C ALA B 335 -11.63 -0.54 -24.53
N VAL B 336 -11.93 -1.84 -24.54
CA VAL B 336 -11.60 -2.68 -25.70
C VAL B 336 -12.66 -2.53 -26.77
N ILE B 337 -13.90 -2.34 -26.34
CA ILE B 337 -15.09 -2.33 -27.19
C ILE B 337 -16.02 -1.18 -26.79
N SER B 338 -16.60 -0.52 -27.78
CA SER B 338 -17.57 0.53 -27.48
C SER B 338 -18.81 -0.14 -26.92
N HIS B 339 -19.29 0.36 -25.79
CA HIS B 339 -20.45 -0.24 -25.15
C HIS B 339 -20.97 0.62 -24.03
N THR B 340 -22.11 0.22 -23.51
CA THR B 340 -22.67 0.82 -22.32
C THR B 340 -22.44 -0.06 -21.10
N ALA B 341 -21.70 0.48 -20.15
CA ALA B 341 -21.30 -0.24 -18.96
C ALA B 341 -22.50 -0.79 -18.20
N GLN B 342 -22.40 -2.05 -17.77
CA GLN B 342 -23.36 -2.59 -16.80
C GLN B 342 -22.67 -3.05 -15.50
N GLN B 343 -23.47 -3.11 -14.44
CA GLN B 343 -23.13 -3.63 -13.13
C GLN B 343 -22.05 -4.73 -13.13
N ASP B 344 -22.29 -5.76 -13.91
CA ASP B 344 -21.40 -6.92 -13.83
C ASP B 344 -20.10 -6.77 -14.62
N TRP B 345 -19.92 -5.64 -15.31
CA TRP B 345 -18.78 -5.49 -16.23
C TRP B 345 -17.75 -4.46 -15.77
N ALA B 346 -17.36 -4.51 -14.50
CA ALA B 346 -16.39 -3.55 -13.97
C ALA B 346 -15.06 -3.82 -14.65
N PRO B 347 -14.27 -2.77 -14.89
CA PRO B 347 -12.94 -3.06 -15.42
C PRO B 347 -12.10 -3.85 -14.41
N SER B 348 -11.22 -4.71 -14.90
CA SER B 348 -10.46 -5.54 -13.98
C SER B 348 -9.38 -6.32 -14.71
N SER B 349 -8.65 -7.11 -13.94
CA SER B 349 -7.56 -7.93 -14.47
C SER B 349 -8.08 -9.04 -15.40
N THR B 350 -9.40 -9.24 -15.45
CA THR B 350 -9.97 -10.35 -16.22
C THR B 350 -11.06 -9.95 -17.20
N SER B 351 -11.36 -8.66 -17.26
CA SER B 351 -12.40 -8.14 -18.13
C SER B 351 -12.07 -8.34 -19.61
N SER B 352 -13.08 -8.70 -20.39
CA SER B 352 -12.94 -8.73 -21.84
C SER B 352 -13.36 -7.38 -22.49
N LEU B 353 -13.87 -6.44 -21.68
CA LEU B 353 -14.28 -5.14 -22.16
C LEU B 353 -13.27 -4.02 -21.89
N TRP B 354 -12.27 -4.30 -21.07
CA TRP B 354 -11.27 -3.31 -20.65
C TRP B 354 -9.91 -3.94 -20.56
N THR B 355 -8.87 -3.19 -20.90
CA THR B 355 -7.51 -3.61 -20.55
C THR B 355 -6.90 -2.62 -19.56
N ASN B 356 -6.06 -3.13 -18.68
CA ASN B 356 -5.32 -2.31 -17.74
C ASN B 356 -4.41 -1.38 -18.55
N ALA B 357 -4.48 -0.08 -18.26
CA ALA B 357 -3.56 0.88 -18.83
C ALA B 357 -2.94 1.78 -17.77
N ASP B 358 -2.69 1.21 -16.58
CA ASP B 358 -1.86 1.91 -15.58
C ASP B 358 -0.50 2.32 -16.18
N PRO B 359 0.09 3.41 -15.67
CA PRO B 359 1.33 3.93 -16.24
C PRO B 359 2.58 3.19 -15.67
N ALA B 360 2.45 1.89 -15.46
CA ALA B 360 3.49 1.10 -14.83
C ALA B 360 4.38 0.41 -15.87
N THR B 361 5.52 -0.10 -15.40
CA THR B 361 6.47 -0.76 -16.27
C THR B 361 6.65 -2.22 -15.85
N ASN B 362 6.17 -2.59 -14.67
CA ASN B 362 6.18 -4.01 -14.32
C ASN B 362 5.14 -4.74 -15.16
N TRP B 363 5.50 -5.93 -15.63
CA TRP B 363 4.56 -6.79 -16.30
C TRP B 363 3.28 -6.90 -15.44
N THR B 364 2.14 -6.79 -16.10
CA THR B 364 0.84 -6.70 -15.44
C THR B 364 -0.22 -7.43 -16.27
N LEU B 365 -1.18 -8.04 -15.58
CA LEU B 365 -2.22 -8.80 -16.23
C LEU B 365 -3.17 -7.95 -17.08
N ASN B 366 -3.58 -8.48 -18.22
CA ASN B 366 -4.65 -7.86 -19.02
C ASN B 366 -4.26 -6.50 -19.59
N VAL B 367 -2.98 -6.32 -19.87
CA VAL B 367 -2.51 -5.12 -20.55
C VAL B 367 -2.37 -5.43 -22.04
N SER B 368 -2.77 -4.47 -22.87
CA SER B 368 -2.56 -4.60 -24.30
C SER B 368 -1.12 -4.18 -24.56
N TYR B 369 -0.23 -5.15 -24.75
CA TYR B 369 1.18 -4.85 -24.97
C TYR B 369 1.37 -4.68 -26.45
N GLU B 370 2.32 -3.82 -26.80
CA GLU B 370 2.69 -3.57 -28.18
C GLU B 370 4.14 -3.95 -28.38
N GLN B 371 4.46 -4.42 -29.58
CA GLN B 371 5.84 -4.70 -29.94
C GLN B 371 6.66 -3.47 -29.64
N GLY B 372 7.79 -3.67 -28.97
CA GLY B 372 8.64 -2.56 -28.58
C GLY B 372 8.53 -2.21 -27.12
N ASP B 373 7.37 -2.55 -26.53
CA ASP B 373 7.17 -2.27 -25.12
C ASP B 373 8.23 -3.06 -24.36
N ILE B 374 8.58 -2.52 -23.20
CA ILE B 374 9.51 -3.14 -22.27
C ILE B 374 8.86 -3.25 -20.90
N VAL B 375 8.94 -4.45 -20.33
CA VAL B 375 8.35 -4.73 -19.02
C VAL B 375 9.38 -5.33 -18.10
N ASN B 376 9.13 -5.21 -16.80
CA ASN B 376 9.95 -5.87 -15.78
C ASN B 376 9.19 -7.06 -15.23
N TYR B 377 9.91 -8.17 -15.03
CA TYR B 377 9.31 -9.39 -14.50
C TYR B 377 10.36 -10.20 -13.74
N LYS B 378 10.06 -10.48 -12.47
CA LYS B 378 10.97 -11.18 -11.56
C LYS B 378 12.41 -10.69 -11.73
N GLY B 379 12.57 -9.38 -11.61
CA GLY B 379 13.89 -8.77 -11.60
C GLY B 379 14.57 -8.67 -12.95
N LYS B 380 13.90 -9.07 -14.01
CA LYS B 380 14.50 -9.04 -15.34
C LYS B 380 13.65 -8.24 -16.29
N ARG B 381 14.30 -7.67 -17.30
CA ARG B 381 13.61 -6.88 -18.32
C ARG B 381 13.40 -7.67 -19.59
N TYR B 382 12.27 -7.43 -20.23
CA TYR B 382 11.85 -8.17 -21.41
C TYR B 382 11.29 -7.19 -22.43
N LEU B 383 11.59 -7.44 -23.69
CA LEU B 383 11.08 -6.65 -24.79
C LEU B 383 9.88 -7.39 -25.35
N VAL B 384 8.77 -6.68 -25.54
CA VAL B 384 7.63 -7.24 -26.19
C VAL B 384 7.93 -7.42 -27.67
N SER B 385 7.89 -8.67 -28.13
N SER B 385 7.88 -8.66 -28.13
CA SER B 385 8.19 -9.01 -29.51
CA SER B 385 8.18 -9.01 -29.51
C SER B 385 6.95 -9.09 -30.39
C SER B 385 6.93 -9.05 -30.38
N VAL B 386 5.82 -9.51 -29.80
CA VAL B 386 4.55 -9.56 -30.54
C VAL B 386 3.42 -9.02 -29.68
N PRO B 387 2.60 -8.11 -30.24
CA PRO B 387 1.52 -7.49 -29.47
C PRO B 387 0.61 -8.57 -28.99
N HIS B 388 0.04 -8.38 -27.82
CA HIS B 388 -0.86 -9.39 -27.26
C HIS B 388 -1.37 -8.78 -25.99
N VAL B 389 -2.48 -9.33 -25.52
CA VAL B 389 -3.01 -8.97 -24.22
C VAL B 389 -2.49 -9.96 -23.17
N SER B 390 -1.82 -9.46 -22.14
CA SER B 390 -1.23 -10.34 -21.14
C SER B 390 -2.27 -11.11 -20.32
N GLN B 391 -1.89 -12.32 -19.90
CA GLN B 391 -2.73 -13.14 -19.07
C GLN B 391 -1.82 -14.01 -18.23
N GLN B 392 -2.42 -14.64 -17.22
CA GLN B 392 -1.66 -15.28 -16.16
C GLN B 392 -0.68 -16.32 -16.69
N ASP B 393 -1.08 -17.04 -17.73
CA ASP B 393 -0.27 -18.09 -18.34
C ASP B 393 0.89 -17.56 -19.17
N TRP B 394 0.80 -16.31 -19.56
CA TRP B 394 1.72 -15.81 -20.57
C TRP B 394 2.83 -14.96 -19.96
N THR B 395 3.45 -15.49 -18.91
CA THR B 395 4.45 -14.74 -18.19
C THR B 395 5.69 -14.61 -19.05
N PRO B 396 6.37 -13.47 -18.96
CA PRO B 396 7.56 -13.24 -19.81
C PRO B 396 8.63 -14.35 -19.78
N ASP B 397 8.83 -15.02 -18.64
CA ASP B 397 9.89 -16.01 -18.57
C ASP B 397 9.57 -17.34 -19.25
N THR B 398 8.31 -17.56 -19.57
CA THR B 398 7.89 -18.81 -20.18
C THR B 398 7.33 -18.60 -21.58
N GLN B 399 7.45 -17.37 -22.10
CA GLN B 399 6.91 -17.07 -23.42
C GLN B 399 7.97 -16.40 -24.25
N ASN B 400 8.88 -17.21 -24.78
CA ASN B 400 10.00 -16.68 -25.57
C ASN B 400 9.58 -16.28 -26.98
N THR B 401 8.35 -16.61 -27.37
CA THR B 401 7.80 -16.07 -28.63
C THR B 401 7.17 -14.68 -28.45
N LEU B 402 6.68 -14.38 -27.25
CA LEU B 402 6.00 -13.09 -27.03
C LEU B 402 6.96 -12.03 -26.51
N PHE B 403 7.93 -12.48 -25.71
CA PHE B 403 8.92 -11.61 -25.12
C PHE B 403 10.31 -12.12 -25.41
N THR B 404 11.23 -11.16 -25.50
CA THR B 404 12.65 -11.41 -25.60
C THR B 404 13.34 -10.79 -24.41
N ALA B 405 14.02 -11.61 -23.63
CA ALA B 405 14.79 -11.12 -22.51
C ALA B 405 15.82 -10.15 -23.04
N LEU B 406 16.05 -9.05 -22.32
CA LEU B 406 17.10 -8.10 -22.63
C LEU B 406 18.33 -8.37 -21.77
N GLU B 407 19.51 -7.95 -22.23
CA GLU B 407 20.72 -8.08 -21.43
C GLU B 407 20.81 -6.99 -20.37
#